data_6Q4T
#
_entry.id   6Q4T
#
_cell.length_a   107.940
_cell.length_b   146.424
_cell.length_c   71.477
_cell.angle_alpha   90.00
_cell.angle_beta   90.00
_cell.angle_gamma   90.00
#
_symmetry.space_group_name_H-M   'P 21 21 2'
#
loop_
_entity.id
_entity.type
_entity.pdbx_description
1 polymer 'DNA polymerase,DNA polymerase,DNA polymerase'
2 polymer "DNA (5'-D(P*AP*AP*CP*TP*GP*TP*GP*GP*CP*CP*GP*TP*GP*GP*TP*C)-3')"
3 polymer "DNA (5'-D(*GP*AP*CP*CP*AP*CP*GP*GP*CP*CP*AP*C)-3')"
4 non-polymer 'MANGANESE (II) ION'
5 non-polymer 'MAGNESIUM ION'
6 non-polymer 1,2-ETHANEDIOL
7 non-polymer '[[(2~{R},3~{S},5~{R})-5-[4-azanyl-5-[3-[2-(2-hydroxyethyloxy)ethanoylamino]prop-1-ynyl]pyrrolo[2,3-d]pyrimidin-7-yl]-3-oxidanyl-oxolan-2-yl]methoxy-oxidanyl-phosphoryl] phosphono hydrogen phosphate'
8 non-polymer 'NITRATE ION'
9 non-polymer 'SULFATE ION'
10 water water
#
loop_
_entity_poly.entity_id
_entity_poly.type
_entity_poly.pdbx_seq_one_letter_code
_entity_poly.pdbx_strand_id
1 'polypeptide(L)'
;MILDTDYITEDGKPVIRIFKKENGEFKIEYDRTFEPYFYALLKDDSAIEEVKKITAERHGTVVTVKRVEKVQKKFLGRPV
EVWKLYFTHPQDVPAIRDKIREHPAVIDIYEYDIPFAKRYLIDKGLVPMEGDEELKMLAFAIATLYHEGEEFAEGPILMI
SYADEEGARVITWKNVDLPYVDVVSTEREMIKRFLRVVKEKDPDVLITYNGDNFDFAYLKKRCEKLGINFALGRDGSEPK
IQRMGDRFAVEVKGRIHFDLYPVIRRTINLPTYTLEAVYEAVFGQPKEKVYAEEITTAWETGENLERVARYSMEDAKVTY
ELGKEFLPMEAQLSRLIGQSLWDVSRSSTGNLVEWFLLRKAYERNELAPNKPDEKELARRRQSYEGGYVKEPERGLWENI
VYLDFRSLYPSIIITHNVSPDTLNREGCKEYDVAPQVGHRFCKDFPGFIPSLLGDLLEERQKIKKKMKATIDPIERKLLD
YRQRAIKILANSYYGYYGYARARWYCKECAESVTAWGREYITMTIKEIEEKYGFKVIYSDTDGFFATIPGADAETVKKKA
MEFLKYINAKLPGALELEYEGFYKRGFFVTKKKYAVIDEEGKITTRGLEIVRRDWSEIAKETQARVLEALLKDGDVEKAV
RIVKEVTEKLSKYEVPPEKLVIHEQITRDLKDYKATGPHVAVAKRLAARGVKIRPGTVISYIVLKGSGRIGDRAIPFDEF
DPTKHKYDAEYYIENQVLPAVERILRAFGYRKEDLRYQKTRQVGLSAWLKPKGT
;
A
2 'polydeoxyribonucleotide' (DA)(DA)(DC)(DT)(DG)(DT)(DG)(DG)(DC)(DC)(DG)(DT)(DG)(DG)(DT)(DC) T
3 'polydeoxyribonucleotide' (DG)(DA)(DC)(DC)(DA)(DC)(DG)(DG)(DC)(DC)(DA)(DOC) P
#
# COMPACT_ATOMS: atom_id res chain seq x y z
N MET A 1 2.97 -26.17 -6.69
CA MET A 1 2.47 -24.82 -7.10
C MET A 1 3.49 -24.10 -7.96
N ILE A 2 3.00 -23.07 -8.64
CA ILE A 2 3.85 -22.23 -9.47
C ILE A 2 4.34 -21.07 -8.63
N LEU A 3 5.66 -20.83 -8.65
CA LEU A 3 6.25 -19.73 -7.91
C LEU A 3 6.40 -18.47 -8.76
N ASP A 4 6.78 -18.64 -10.02
CA ASP A 4 7.10 -17.52 -10.88
C ASP A 4 7.16 -18.03 -12.31
N THR A 5 7.11 -17.11 -13.26
CA THR A 5 7.40 -17.42 -14.64
C THR A 5 8.20 -16.28 -15.23
N ASP A 6 9.05 -16.60 -16.20
CA ASP A 6 9.69 -15.58 -17.00
C ASP A 6 9.95 -16.18 -18.37
N TYR A 7 10.72 -15.48 -19.20
CA TYR A 7 11.19 -16.06 -20.45
C TYR A 7 12.62 -15.64 -20.73
N ILE A 8 13.32 -16.53 -21.41
CA ILE A 8 14.65 -16.26 -21.95
C ILE A 8 14.57 -16.49 -23.45
N THR A 9 15.53 -15.94 -24.17
CA THR A 9 15.58 -16.07 -25.61
C THR A 9 16.72 -17.01 -25.99
N GLU A 10 16.40 -17.97 -26.86
CA GLU A 10 17.33 -19.02 -27.24
C GLU A 10 17.30 -19.12 -28.76
N ASP A 11 18.40 -18.74 -29.40
CA ASP A 11 18.48 -18.73 -30.86
C ASP A 11 17.33 -17.93 -31.47
N GLY A 12 17.05 -16.78 -30.88
CA GLY A 12 16.07 -15.86 -31.41
C GLY A 12 14.64 -16.15 -31.03
N LYS A 13 14.36 -17.27 -30.36
CA LYS A 13 13.02 -17.69 -30.01
C LYS A 13 12.79 -17.59 -28.50
N PRO A 14 11.60 -17.20 -28.06
CA PRO A 14 11.34 -17.12 -26.62
C PRO A 14 11.07 -18.50 -26.03
N VAL A 15 11.56 -18.70 -24.81
CA VAL A 15 11.30 -19.93 -24.05
C VAL A 15 10.77 -19.51 -22.69
N ILE A 16 9.52 -19.84 -22.41
CA ILE A 16 8.94 -19.57 -21.10
C ILE A 16 9.57 -20.50 -20.07
N ARG A 17 9.89 -19.95 -18.91
CA ARG A 17 10.33 -20.75 -17.77
C ARG A 17 9.26 -20.67 -16.70
N ILE A 18 8.80 -21.83 -16.23
CA ILE A 18 7.84 -21.92 -15.14
C ILE A 18 8.54 -22.57 -13.96
N PHE A 19 8.76 -21.79 -12.90
CA PHE A 19 9.42 -22.27 -11.69
C PHE A 19 8.36 -22.87 -10.78
N LYS A 20 8.49 -24.18 -10.50
CA LYS A 20 7.48 -24.93 -9.75
C LYS A 20 8.09 -25.58 -8.52
N LYS A 21 7.22 -25.83 -7.54
CA LYS A 21 7.51 -26.80 -6.50
C LYS A 21 6.35 -27.77 -6.42
N GLU A 22 6.65 -29.06 -6.57
CA GLU A 22 5.64 -30.11 -6.61
C GLU A 22 6.17 -31.31 -5.84
N ASN A 23 5.37 -31.80 -4.89
CA ASN A 23 5.75 -32.96 -4.09
C ASN A 23 7.12 -32.75 -3.45
N GLY A 24 7.36 -31.53 -2.96
CA GLY A 24 8.60 -31.19 -2.29
C GLY A 24 9.79 -30.98 -3.21
N GLU A 25 9.62 -31.12 -4.52
CA GLU A 25 10.72 -31.04 -5.46
C GLU A 25 10.61 -29.77 -6.29
N PHE A 26 11.72 -29.03 -6.39
CA PHE A 26 11.76 -27.87 -7.27
C PHE A 26 11.94 -28.34 -8.71
N LYS A 27 11.15 -27.77 -9.61
CA LYS A 27 11.22 -28.09 -11.03
C LYS A 27 11.21 -26.82 -11.85
N ILE A 28 11.86 -26.87 -13.01
CA ILE A 28 11.73 -25.84 -14.02
C ILE A 28 11.13 -26.48 -15.26
N GLU A 29 9.97 -25.99 -15.65
CA GLU A 29 9.28 -26.44 -16.85
C GLU A 29 9.55 -25.41 -17.95
N TYR A 30 9.85 -25.90 -19.15
CA TYR A 30 10.15 -25.05 -20.29
C TYR A 30 9.05 -25.19 -21.33
N ASP A 31 8.52 -24.06 -21.78
CA ASP A 31 7.54 -24.01 -22.86
C ASP A 31 8.14 -23.24 -24.03
N ARG A 32 8.37 -23.94 -25.15
CA ARG A 32 8.94 -23.32 -26.34
C ARG A 32 7.89 -23.00 -27.40
N THR A 33 6.61 -23.29 -27.15
CA THR A 33 5.61 -23.20 -28.20
C THR A 33 4.73 -21.96 -28.10
N PHE A 34 4.77 -21.23 -26.99
CA PHE A 34 3.84 -20.13 -26.79
C PHE A 34 4.31 -18.88 -27.53
N GLU A 35 3.37 -18.20 -28.16
CA GLU A 35 3.70 -17.15 -29.11
C GLU A 35 3.14 -15.81 -28.68
N PRO A 36 3.92 -14.74 -28.80
CA PRO A 36 3.36 -13.40 -28.57
C PRO A 36 2.39 -13.04 -29.69
N TYR A 37 1.49 -12.09 -29.39
CA TYR A 37 0.46 -11.71 -30.34
C TYR A 37 -0.17 -10.38 -29.92
N PHE A 38 -0.89 -9.77 -30.86
CA PHE A 38 -1.90 -8.78 -30.54
C PHE A 38 -3.02 -8.89 -31.57
N TYR A 39 -4.07 -8.09 -31.39
CA TYR A 39 -5.28 -8.18 -32.20
C TYR A 39 -5.40 -6.96 -33.11
N ALA A 40 -5.88 -7.18 -34.32
CA ALA A 40 -6.21 -6.11 -35.26
C ALA A 40 -7.66 -6.24 -35.72
N LEU A 41 -8.40 -5.12 -35.69
CA LEU A 41 -9.73 -5.04 -36.27
C LEU A 41 -9.62 -4.44 -37.67
N LEU A 42 -10.02 -5.21 -38.67
CA LEU A 42 -9.85 -4.82 -40.07
C LEU A 42 -11.15 -4.34 -40.68
N LYS A 43 -11.02 -3.50 -41.72
CA LYS A 43 -12.19 -3.04 -42.46
C LYS A 43 -12.81 -4.16 -43.28
N ASP A 44 -12.02 -5.15 -43.69
CA ASP A 44 -12.54 -6.31 -44.40
C ASP A 44 -11.59 -7.47 -44.21
N ASP A 45 -12.16 -8.69 -44.14
CA ASP A 45 -11.33 -9.88 -43.98
C ASP A 45 -10.32 -10.01 -45.11
N SER A 46 -10.66 -9.53 -46.31
CA SER A 46 -9.76 -9.68 -47.45
C SER A 46 -8.44 -8.95 -47.25
N ALA A 47 -8.41 -7.94 -46.38
CA ALA A 47 -7.21 -7.15 -46.16
C ALA A 47 -6.13 -7.90 -45.38
N ILE A 48 -6.48 -9.02 -44.74
CA ILE A 48 -5.50 -9.73 -43.93
C ILE A 48 -4.30 -10.13 -44.77
N GLU A 49 -4.51 -10.45 -46.04
CA GLU A 49 -3.41 -10.82 -46.92
C GLU A 49 -2.40 -9.69 -47.06
N GLU A 50 -2.86 -8.44 -47.04
CA GLU A 50 -1.95 -7.31 -47.04
C GLU A 50 -1.27 -7.16 -45.69
N VAL A 51 -2.04 -7.26 -44.60
CA VAL A 51 -1.48 -7.06 -43.27
C VAL A 51 -0.39 -8.09 -42.99
N LYS A 52 -0.62 -9.35 -43.41
CA LYS A 52 0.39 -10.38 -43.24
C LYS A 52 1.71 -10.02 -43.91
N LYS A 53 1.69 -9.09 -44.86
CA LYS A 53 2.89 -8.72 -45.60
C LYS A 53 3.65 -7.55 -44.98
N ILE A 54 3.06 -6.88 -43.99
CA ILE A 54 3.76 -5.76 -43.36
C ILE A 54 5.00 -6.28 -42.63
N THR A 55 6.09 -5.53 -42.73
CA THR A 55 7.35 -5.88 -42.10
C THR A 55 7.93 -4.67 -41.39
N ALA A 56 8.81 -4.94 -40.42
CA ALA A 56 9.50 -3.89 -39.69
C ALA A 56 10.95 -4.31 -39.51
N GLU A 57 11.69 -3.51 -38.74
CA GLU A 57 13.08 -3.82 -38.43
C GLU A 57 13.34 -3.52 -36.96
N ARG A 58 14.15 -4.37 -36.34
CA ARG A 58 14.71 -4.09 -35.02
C ARG A 58 16.14 -4.64 -35.01
N HIS A 59 17.12 -3.75 -35.09
CA HIS A 59 18.52 -4.12 -34.94
C HIS A 59 18.93 -5.12 -36.03
N GLY A 60 18.81 -4.67 -37.28
CA GLY A 60 19.22 -5.45 -38.42
C GLY A 60 18.42 -6.73 -38.62
N THR A 61 17.36 -6.91 -37.83
CA THR A 61 16.52 -8.10 -37.90
C THR A 61 15.19 -7.70 -38.52
N VAL A 62 14.85 -8.31 -39.66
CA VAL A 62 13.55 -8.07 -40.27
C VAL A 62 12.48 -8.73 -39.42
N VAL A 63 11.41 -8.00 -39.12
CA VAL A 63 10.28 -8.51 -38.36
C VAL A 63 9.13 -8.76 -39.31
N THR A 64 8.56 -9.96 -39.23
CA THR A 64 7.43 -10.34 -40.06
C THR A 64 6.33 -10.92 -39.18
N VAL A 65 5.12 -10.93 -39.72
CA VAL A 65 3.98 -11.59 -39.08
C VAL A 65 4.12 -13.10 -39.28
N LYS A 66 4.13 -13.85 -38.17
CA LYS A 66 4.35 -15.29 -38.25
C LYS A 66 3.12 -16.00 -38.80
N ARG A 67 1.96 -15.70 -38.26
CA ARG A 67 0.71 -16.34 -38.67
C ARG A 67 -0.44 -15.60 -38.02
N VAL A 68 -1.63 -15.86 -38.53
CA VAL A 68 -2.84 -15.15 -38.12
C VAL A 68 -3.96 -16.17 -37.92
N GLU A 69 -4.91 -15.81 -37.08
CA GLU A 69 -6.16 -16.57 -37.01
C GLU A 69 -7.29 -15.63 -36.59
N LYS A 70 -8.45 -15.82 -37.21
CA LYS A 70 -9.62 -14.99 -36.93
C LYS A 70 -10.37 -15.57 -35.74
N VAL A 71 -10.78 -14.68 -34.83
CA VAL A 71 -11.45 -15.10 -33.60
C VAL A 71 -12.62 -14.15 -33.29
N GLN A 72 -13.64 -14.71 -32.63
CA GLN A 72 -14.79 -13.94 -32.17
C GLN A 72 -14.53 -13.42 -30.77
N LYS A 73 -14.73 -12.11 -30.60
CA LYS A 73 -14.51 -11.45 -29.31
C LYS A 73 -15.67 -10.52 -29.02
N LYS A 74 -15.59 -9.87 -27.87
CA LYS A 74 -16.49 -8.79 -27.51
C LYS A 74 -15.66 -7.59 -27.12
N PHE A 75 -16.16 -6.40 -27.43
CA PHE A 75 -15.57 -5.15 -26.96
C PHE A 75 -16.66 -4.41 -26.22
N LEU A 76 -16.48 -4.26 -24.91
CA LEU A 76 -17.53 -3.73 -24.04
C LEU A 76 -18.84 -4.45 -24.28
N GLY A 77 -18.75 -5.77 -24.46
CA GLY A 77 -19.91 -6.62 -24.55
C GLY A 77 -20.55 -6.72 -25.92
N ARG A 78 -20.01 -6.01 -26.91
CA ARG A 78 -20.55 -6.09 -28.27
C ARG A 78 -19.73 -7.05 -29.09
N PRO A 79 -20.35 -8.03 -29.75
CA PRO A 79 -19.55 -8.99 -30.54
C PRO A 79 -18.83 -8.34 -31.70
N VAL A 80 -17.65 -8.88 -32.00
CA VAL A 80 -16.81 -8.41 -33.10
C VAL A 80 -15.72 -9.45 -33.38
N GLU A 81 -15.49 -9.74 -34.65
CA GLU A 81 -14.41 -10.65 -35.05
C GLU A 81 -13.16 -9.83 -35.35
N VAL A 82 -12.03 -10.26 -34.78
CA VAL A 82 -10.76 -9.61 -35.00
C VAL A 82 -9.74 -10.66 -35.44
N TRP A 83 -8.61 -10.18 -35.92
CA TRP A 83 -7.51 -11.04 -36.33
C TRP A 83 -6.44 -11.06 -35.24
N LYS A 84 -6.14 -12.25 -34.75
CA LYS A 84 -5.03 -12.45 -33.82
C LYS A 84 -3.75 -12.55 -34.64
N LEU A 85 -2.85 -11.59 -34.48
CA LEU A 85 -1.60 -11.56 -35.23
C LEU A 85 -0.49 -12.12 -34.34
N TYR A 86 0.04 -13.28 -34.72
CA TYR A 86 1.10 -13.95 -33.98
C TYR A 86 2.47 -13.51 -34.47
N PHE A 87 3.45 -13.51 -33.57
CA PHE A 87 4.83 -13.22 -33.93
C PHE A 87 5.77 -14.24 -33.30
N THR A 88 7.00 -14.25 -33.79
CA THR A 88 8.02 -15.18 -33.31
C THR A 88 8.57 -14.77 -31.96
N HIS A 89 8.71 -13.47 -31.71
CA HIS A 89 9.41 -13.00 -30.53
C HIS A 89 8.71 -11.79 -29.94
N PRO A 90 8.59 -11.71 -28.61
CA PRO A 90 7.87 -10.58 -28.00
C PRO A 90 8.33 -9.21 -28.48
N GLN A 91 9.64 -9.03 -28.68
CA GLN A 91 10.19 -7.77 -29.15
C GLN A 91 9.75 -7.41 -30.56
N ASP A 92 9.21 -8.36 -31.31
CA ASP A 92 8.63 -8.03 -32.61
C ASP A 92 7.45 -7.06 -32.46
N VAL A 93 6.71 -7.16 -31.36
CA VAL A 93 5.44 -6.47 -31.21
C VAL A 93 5.67 -4.97 -31.09
N PRO A 94 6.55 -4.51 -30.18
CA PRO A 94 6.85 -3.06 -30.16
C PRO A 94 7.39 -2.54 -31.48
N ALA A 95 8.06 -3.38 -32.25
CA ALA A 95 8.73 -2.92 -33.47
C ALA A 95 7.78 -2.70 -34.64
N ILE A 96 6.62 -3.36 -34.65
CA ILE A 96 5.82 -3.42 -35.87
C ILE A 96 4.39 -2.92 -35.63
N ARG A 97 3.99 -2.78 -34.37
CA ARG A 97 2.58 -2.52 -34.07
C ARG A 97 2.11 -1.18 -34.64
N ASP A 98 2.98 -0.15 -34.58
CA ASP A 98 2.60 1.13 -35.16
C ASP A 98 2.42 1.02 -36.67
N LYS A 99 3.26 0.22 -37.33
CA LYS A 99 3.14 0.08 -38.78
C LYS A 99 1.84 -0.63 -39.15
N ILE A 100 1.36 -1.52 -38.29
CA ILE A 100 0.11 -2.21 -38.58
C ILE A 100 -1.09 -1.30 -38.30
N ARG A 101 -1.09 -0.64 -37.14
CA ARG A 101 -2.13 0.34 -36.85
C ARG A 101 -2.23 1.40 -37.93
N GLU A 102 -1.10 1.78 -38.54
CA GLU A 102 -1.10 2.81 -39.57
C GLU A 102 -1.69 2.33 -40.89
N HIS A 103 -1.82 1.02 -41.07
CA HIS A 103 -2.27 0.52 -42.36
C HIS A 103 -3.73 0.93 -42.62
N PRO A 104 -4.05 1.41 -43.83
CA PRO A 104 -5.41 1.93 -44.05
C PRO A 104 -6.51 0.91 -43.84
N ALA A 105 -6.22 -0.38 -44.01
CA ALA A 105 -7.21 -1.42 -43.82
C ALA A 105 -7.41 -1.79 -42.35
N VAL A 106 -6.67 -1.17 -41.43
CA VAL A 106 -6.71 -1.52 -40.01
C VAL A 106 -7.43 -0.42 -39.26
N ILE A 107 -8.59 -0.77 -38.66
CA ILE A 107 -9.34 0.18 -37.85
C ILE A 107 -8.62 0.46 -36.53
N ASP A 108 -8.20 -0.60 -35.83
CA ASP A 108 -7.52 -0.41 -34.55
C ASP A 108 -6.88 -1.73 -34.14
N ILE A 109 -6.02 -1.65 -33.12
CA ILE A 109 -5.31 -2.81 -32.59
C ILE A 109 -5.47 -2.84 -31.08
N TYR A 110 -5.32 -4.03 -30.50
CA TYR A 110 -5.60 -4.24 -29.09
C TYR A 110 -4.59 -5.20 -28.47
N GLU A 111 -4.39 -5.05 -27.16
CA GLU A 111 -3.57 -5.96 -26.36
C GLU A 111 -2.19 -6.16 -26.97
N TYR A 112 -1.52 -5.03 -27.23
CA TYR A 112 -0.21 -5.01 -27.86
C TYR A 112 0.92 -4.61 -26.91
N ASP A 113 0.64 -4.47 -25.61
CA ASP A 113 1.66 -4.07 -24.63
C ASP A 113 1.59 -4.94 -23.37
N ILE A 114 1.39 -6.24 -23.52
CA ILE A 114 1.22 -7.16 -22.40
C ILE A 114 2.54 -7.90 -22.18
N PRO A 115 3.18 -7.76 -21.03
CA PRO A 115 4.42 -8.51 -20.77
C PRO A 115 4.22 -9.99 -21.04
N PHE A 116 5.21 -10.59 -21.71
CA PHE A 116 5.03 -11.92 -22.28
C PHE A 116 4.77 -12.97 -21.20
N ALA A 117 5.58 -12.97 -20.14
CA ALA A 117 5.46 -14.01 -19.12
C ALA A 117 4.13 -13.93 -18.38
N LYS A 118 3.53 -12.74 -18.26
CA LYS A 118 2.22 -12.63 -17.64
C LYS A 118 1.11 -13.02 -18.61
N ARG A 119 1.26 -12.65 -19.88
CA ARG A 119 0.37 -13.14 -20.93
C ARG A 119 0.28 -14.67 -20.89
N TYR A 120 1.41 -15.34 -20.66
CA TYR A 120 1.41 -16.79 -20.59
C TYR A 120 0.57 -17.31 -19.43
N LEU A 121 0.66 -16.66 -18.27
CA LEU A 121 -0.08 -17.14 -17.11
C LEU A 121 -1.58 -16.98 -17.33
N ILE A 122 -1.98 -15.87 -17.95
CA ILE A 122 -3.39 -15.61 -18.20
C ILE A 122 -3.95 -16.59 -19.23
N ASP A 123 -3.28 -16.70 -20.38
CA ASP A 123 -3.84 -17.50 -21.48
C ASP A 123 -3.82 -18.99 -21.16
N LYS A 124 -2.88 -19.44 -20.34
CA LYS A 124 -2.82 -20.84 -19.95
C LYS A 124 -3.72 -21.16 -18.76
N GLY A 125 -4.36 -20.16 -18.16
CA GLY A 125 -5.22 -20.39 -17.01
C GLY A 125 -4.47 -20.77 -15.76
N LEU A 126 -3.22 -20.34 -15.62
CA LEU A 126 -2.36 -20.72 -14.51
C LEU A 126 -2.36 -19.64 -13.44
N VAL A 127 -2.35 -20.07 -12.17
CA VAL A 127 -2.39 -19.17 -11.03
C VAL A 127 -1.25 -19.51 -10.08
N PRO A 128 -0.28 -18.62 -9.85
CA PRO A 128 0.77 -18.93 -8.88
C PRO A 128 0.21 -19.12 -7.48
N MET A 129 0.97 -19.87 -6.67
CA MET A 129 0.72 -20.08 -5.24
C MET A 129 -0.52 -20.91 -4.96
N GLU A 130 -1.02 -21.66 -5.94
CA GLU A 130 -2.17 -22.53 -5.72
C GLU A 130 -1.69 -23.94 -5.35
N GLY A 131 -2.32 -24.53 -4.34
CA GLY A 131 -2.01 -25.87 -3.90
C GLY A 131 -1.64 -25.94 -2.43
N ASP A 132 -1.48 -27.18 -1.96
CA ASP A 132 -1.15 -27.46 -0.57
C ASP A 132 0.34 -27.49 -0.29
N GLU A 133 1.17 -27.00 -1.21
CA GLU A 133 2.61 -27.18 -1.11
C GLU A 133 3.17 -26.33 0.02
N GLU A 134 4.04 -26.94 0.83
CA GLU A 134 4.72 -26.24 1.91
C GLU A 134 6.04 -25.66 1.41
N LEU A 135 6.19 -24.35 1.52
CA LEU A 135 7.38 -23.67 1.04
C LEU A 135 8.39 -23.51 2.18
N LYS A 136 9.66 -23.74 1.86
CA LYS A 136 10.76 -23.54 2.81
C LYS A 136 11.21 -22.10 2.73
N MET A 137 11.39 -21.46 3.89
CA MET A 137 11.69 -20.04 3.94
C MET A 137 12.95 -19.79 4.76
N LEU A 138 13.69 -18.74 4.37
CA LEU A 138 14.93 -18.33 5.02
C LEU A 138 14.99 -16.82 5.02
N ALA A 139 15.08 -16.23 6.20
CA ALA A 139 15.32 -14.79 6.31
C ALA A 139 16.82 -14.52 6.45
N PHE A 140 17.24 -13.33 6.05
CA PHE A 140 18.61 -12.92 6.27
C PHE A 140 18.70 -11.40 6.39
N ALA A 141 19.78 -10.97 7.04
CA ALA A 141 20.10 -9.56 7.27
C ALA A 141 21.61 -9.42 7.25
N ILE A 142 22.09 -8.17 7.25
CA ILE A 142 23.52 -7.89 7.25
C ILE A 142 23.82 -6.71 8.16
N ALA A 143 25.05 -6.68 8.67
CA ALA A 143 25.59 -5.56 9.43
C ALA A 143 26.82 -5.04 8.69
N THR A 144 26.94 -3.72 8.61
CA THR A 144 27.95 -3.10 7.77
C THR A 144 28.75 -2.08 8.58
N LEU A 145 29.93 -1.77 8.07
CA LEU A 145 30.79 -0.73 8.62
C LEU A 145 30.47 0.59 7.91
N TYR A 146 30.03 1.58 8.68
CA TYR A 146 29.59 2.84 8.11
C TYR A 146 30.39 4.02 8.66
N HIS A 147 30.75 4.92 7.77
CA HIS A 147 31.38 6.19 8.11
C HIS A 147 30.71 7.28 7.31
N GLU A 148 30.35 8.38 7.97
CA GLU A 148 29.70 9.48 7.26
C GLU A 148 30.62 10.02 6.18
N GLY A 149 30.02 10.47 5.08
CA GLY A 149 30.77 11.03 3.98
C GLY A 149 31.31 10.03 2.99
N GLU A 150 31.11 8.74 3.23
CA GLU A 150 31.63 7.72 2.32
C GLU A 150 30.58 7.38 1.25
N GLU A 151 31.05 6.78 0.17
CA GLU A 151 30.14 6.30 -0.85
C GLU A 151 29.41 5.05 -0.35
N PHE A 152 28.40 4.65 -1.11
CA PHE A 152 27.60 3.49 -0.71
C PHE A 152 28.43 2.22 -0.84
N ALA A 153 28.48 1.44 0.25
CA ALA A 153 29.15 0.15 0.31
C ALA A 153 30.66 0.27 0.14
N GLU A 154 31.23 1.42 0.49
CA GLU A 154 32.68 1.56 0.52
C GLU A 154 33.28 0.73 1.64
N GLY A 155 32.57 0.59 2.76
CA GLY A 155 33.01 -0.23 3.86
C GLY A 155 32.50 -1.65 3.73
N PRO A 156 33.14 -2.58 4.43
CA PRO A 156 32.77 -3.99 4.28
C PRO A 156 31.49 -4.35 5.00
N ILE A 157 30.91 -5.47 4.58
CA ILE A 157 29.94 -6.18 5.40
C ILE A 157 30.69 -6.83 6.56
N LEU A 158 30.14 -6.69 7.77
CA LEU A 158 30.74 -7.22 8.98
C LEU A 158 30.15 -8.57 9.39
N MET A 159 28.83 -8.71 9.26
CA MET A 159 28.12 -9.91 9.67
C MET A 159 27.00 -10.18 8.68
N ILE A 160 26.73 -11.45 8.42
CA ILE A 160 25.53 -11.87 7.70
C ILE A 160 24.79 -12.86 8.58
N SER A 161 23.54 -12.56 8.90
CA SER A 161 22.72 -13.40 9.74
C SER A 161 21.59 -14.02 8.93
N TYR A 162 21.11 -15.17 9.38
CA TYR A 162 20.03 -15.87 8.71
C TYR A 162 19.25 -16.67 9.74
N ALA A 163 17.96 -16.83 9.49
CA ALA A 163 17.06 -17.47 10.43
C ALA A 163 16.01 -18.27 9.68
N ASP A 164 15.61 -19.40 10.26
CA ASP A 164 14.49 -20.14 9.73
C ASP A 164 13.89 -20.96 10.87
N GLU A 165 13.09 -21.97 10.52
CA GLU A 165 12.42 -22.76 11.54
C GLU A 165 13.39 -23.44 12.50
N GLU A 166 14.66 -23.59 12.12
CA GLU A 166 15.63 -24.32 12.92
C GLU A 166 16.49 -23.44 13.81
N GLY A 167 16.42 -22.13 13.66
CA GLY A 167 17.15 -21.24 14.54
C GLY A 167 17.75 -20.09 13.75
N ALA A 168 18.56 -19.28 14.43
CA ALA A 168 19.19 -18.13 13.84
C ALA A 168 20.70 -18.20 14.05
N ARG A 169 21.45 -17.73 13.07
CA ARG A 169 22.90 -17.79 13.14
C ARG A 169 23.50 -16.56 12.48
N VAL A 170 24.75 -16.29 12.83
CA VAL A 170 25.49 -15.12 12.35
C VAL A 170 26.84 -15.59 11.84
N ILE A 171 27.22 -15.14 10.65
CA ILE A 171 28.54 -15.35 10.07
C ILE A 171 29.29 -14.04 10.17
N THR A 172 30.54 -14.09 10.63
CA THR A 172 31.36 -12.89 10.75
C THR A 172 32.83 -13.28 10.67
N TRP A 173 33.67 -12.28 10.40
CA TRP A 173 35.10 -12.52 10.20
C TRP A 173 35.94 -11.83 11.28
N LYS A 174 35.34 -11.60 12.45
CA LYS A 174 36.07 -11.40 13.69
C LYS A 174 35.61 -12.45 14.68
N ASN A 175 36.41 -12.67 15.72
CA ASN A 175 36.11 -13.71 16.68
C ASN A 175 35.13 -13.17 17.72
N VAL A 176 33.91 -13.69 17.73
CA VAL A 176 32.89 -13.38 18.72
C VAL A 176 32.55 -14.67 19.43
N ASP A 177 32.52 -14.64 20.77
CA ASP A 177 32.31 -15.85 21.57
C ASP A 177 30.82 -15.99 21.92
N LEU A 178 30.05 -16.33 20.89
CA LEU A 178 28.64 -16.69 21.04
C LEU A 178 28.39 -18.01 20.33
N PRO A 179 27.51 -18.86 20.86
CA PRO A 179 27.32 -20.18 20.24
C PRO A 179 26.71 -20.13 18.85
N TYR A 180 25.93 -19.10 18.52
CA TYR A 180 25.29 -19.02 17.20
C TYR A 180 26.12 -18.22 16.20
N VAL A 181 27.35 -17.85 16.54
CA VAL A 181 28.20 -17.08 15.64
C VAL A 181 29.23 -18.01 15.03
N ASP A 182 29.26 -18.05 13.70
CA ASP A 182 30.25 -18.83 12.95
C ASP A 182 31.34 -17.86 12.47
N VAL A 183 32.59 -18.14 12.84
CA VAL A 183 33.70 -17.24 12.57
C VAL A 183 34.45 -17.73 11.35
N VAL A 184 34.65 -16.84 10.39
CA VAL A 184 35.39 -17.14 9.17
C VAL A 184 36.55 -16.15 9.03
N SER A 185 37.39 -16.39 8.01
CA SER A 185 38.66 -15.68 7.91
C SER A 185 38.49 -14.26 7.36
N THR A 186 37.62 -14.06 6.38
CA THR A 186 37.53 -12.77 5.71
C THR A 186 36.09 -12.45 5.30
N GLU A 187 35.87 -11.17 5.00
CA GLU A 187 34.61 -10.74 4.40
C GLU A 187 34.26 -11.60 3.20
N ARG A 188 35.25 -11.93 2.37
N ARG A 188 35.24 -11.93 2.36
CA ARG A 188 35.00 -12.74 1.18
CA ARG A 188 34.98 -12.73 1.17
C ARG A 188 34.50 -14.12 1.54
C ARG A 188 34.49 -14.12 1.54
N GLU A 189 35.13 -14.76 2.52
CA GLU A 189 34.70 -16.09 2.95
C GLU A 189 33.34 -16.03 3.64
N MET A 190 33.02 -14.92 4.28
CA MET A 190 31.71 -14.79 4.91
C MET A 190 30.59 -14.75 3.88
N ILE A 191 30.79 -14.00 2.80
CA ILE A 191 29.81 -13.98 1.72
C ILE A 191 29.71 -15.36 1.07
N LYS A 192 30.87 -15.97 0.79
CA LYS A 192 30.86 -17.30 0.19
C LYS A 192 30.18 -18.32 1.10
N ARG A 193 30.31 -18.15 2.42
CA ARG A 193 29.66 -19.07 3.35
C ARG A 193 28.15 -18.92 3.30
N PHE A 194 27.66 -17.67 3.31
CA PHE A 194 26.21 -17.45 3.22
C PHE A 194 25.65 -18.03 1.94
N LEU A 195 26.38 -17.87 0.83
CA LEU A 195 25.99 -18.50 -0.43
C LEU A 195 25.90 -20.01 -0.28
N ARG A 196 26.90 -20.60 0.36
CA ARG A 196 26.89 -22.03 0.59
C ARG A 196 25.67 -22.44 1.41
N VAL A 197 25.29 -21.62 2.39
CA VAL A 197 24.17 -21.95 3.26
C VAL A 197 22.86 -21.90 2.49
N VAL A 198 22.68 -20.88 1.64
CA VAL A 198 21.46 -20.78 0.83
C VAL A 198 21.34 -21.97 -0.11
N LYS A 199 22.45 -22.42 -0.69
CA LYS A 199 22.37 -23.55 -1.61
C LYS A 199 22.12 -24.86 -0.87
N GLU A 200 22.65 -25.00 0.34
CA GLU A 200 22.37 -26.21 1.13
C GLU A 200 20.92 -26.24 1.58
N LYS A 201 20.42 -25.13 2.14
CA LYS A 201 19.04 -25.07 2.61
C LYS A 201 18.04 -25.04 1.47
N ASP A 202 18.45 -24.49 0.32
CA ASP A 202 17.61 -24.43 -0.87
C ASP A 202 16.22 -23.85 -0.57
N PRO A 203 16.14 -22.64 -0.03
CA PRO A 203 14.83 -22.08 0.33
C PRO A 203 14.03 -21.67 -0.88
N ASP A 204 12.71 -21.91 -0.79
CA ASP A 204 11.80 -21.39 -1.80
C ASP A 204 11.64 -19.88 -1.69
N VAL A 205 11.75 -19.34 -0.47
CA VAL A 205 11.51 -17.92 -0.21
C VAL A 205 12.71 -17.35 0.54
N LEU A 206 13.26 -16.25 0.02
CA LEU A 206 14.24 -15.45 0.76
C LEU A 206 13.53 -14.21 1.29
N ILE A 207 13.56 -14.02 2.61
CA ILE A 207 12.84 -12.95 3.28
C ILE A 207 13.84 -11.89 3.71
N THR A 208 13.60 -10.63 3.33
CA THR A 208 14.39 -9.51 3.80
C THR A 208 13.45 -8.41 4.30
N TYR A 209 14.05 -7.43 4.96
CA TYR A 209 13.36 -6.19 5.30
C TYR A 209 14.11 -5.07 4.59
N ASN A 210 13.62 -4.70 3.41
CA ASN A 210 14.19 -3.67 2.56
C ASN A 210 15.41 -4.17 1.78
N GLY A 211 15.53 -5.48 1.56
CA GLY A 211 16.58 -5.97 0.69
C GLY A 211 16.49 -5.45 -0.73
N ASP A 212 15.30 -4.98 -1.14
CA ASP A 212 15.14 -4.45 -2.49
C ASP A 212 16.01 -3.22 -2.72
N ASN A 213 16.33 -2.48 -1.66
CA ASN A 213 17.05 -1.23 -1.77
C ASN A 213 18.32 -1.15 -0.95
N PHE A 214 18.54 -2.04 0.02
CA PHE A 214 19.80 -2.04 0.78
C PHE A 214 20.55 -3.36 0.61
N ASP A 215 20.08 -4.45 1.22
CA ASP A 215 20.93 -5.63 1.39
C ASP A 215 21.55 -6.08 0.07
N PHE A 216 20.74 -6.23 -0.98
CA PHE A 216 21.26 -6.83 -2.21
C PHE A 216 22.17 -5.88 -2.96
N ALA A 217 21.87 -4.58 -2.94
CA ALA A 217 22.77 -3.63 -3.58
C ALA A 217 24.11 -3.60 -2.86
N TYR A 218 24.09 -3.73 -1.54
CA TYR A 218 25.32 -3.74 -0.76
C TYR A 218 26.13 -4.99 -1.08
N LEU A 219 25.49 -6.15 -1.04
CA LEU A 219 26.16 -7.39 -1.42
C LEU A 219 26.76 -7.29 -2.81
N LYS A 220 26.01 -6.75 -3.77
CA LYS A 220 26.49 -6.72 -5.15
C LYS A 220 27.75 -5.87 -5.26
N LYS A 221 27.75 -4.68 -4.65
CA LYS A 221 28.94 -3.83 -4.66
C LYS A 221 30.13 -4.57 -4.06
N ARG A 222 29.92 -5.24 -2.93
CA ARG A 222 31.02 -5.94 -2.28
C ARG A 222 31.48 -7.13 -3.12
N CYS A 223 30.54 -7.86 -3.72
CA CYS A 223 30.94 -8.97 -4.59
C CYS A 223 31.67 -8.47 -5.83
N GLU A 224 31.36 -7.26 -6.31
CA GLU A 224 32.11 -6.69 -7.41
C GLU A 224 33.52 -6.30 -6.98
N LYS A 225 33.69 -5.87 -5.73
CA LYS A 225 35.02 -5.60 -5.19
C LYS A 225 35.83 -6.89 -5.04
N LEU A 226 35.18 -7.97 -4.60
CA LEU A 226 35.87 -9.18 -4.18
C LEU A 226 35.93 -10.27 -5.24
N GLY A 227 35.31 -10.07 -6.40
CA GLY A 227 35.36 -11.09 -7.44
C GLY A 227 34.52 -12.32 -7.15
N ILE A 228 33.37 -12.16 -6.50
CA ILE A 228 32.52 -13.28 -6.10
C ILE A 228 31.38 -13.43 -7.10
N ASN A 229 31.21 -14.64 -7.63
CA ASN A 229 29.99 -14.98 -8.36
C ASN A 229 28.92 -15.36 -7.34
N PHE A 230 28.00 -14.42 -7.08
CA PHE A 230 27.03 -14.53 -5.99
C PHE A 230 25.76 -15.22 -6.51
N ALA A 231 25.89 -16.52 -6.73
CA ALA A 231 24.92 -17.28 -7.52
C ALA A 231 23.77 -17.83 -6.65
N LEU A 232 23.05 -16.91 -6.00
CA LEU A 232 21.92 -17.32 -5.17
C LEU A 232 20.77 -17.94 -5.96
N GLY A 233 20.63 -17.61 -7.23
CA GLY A 233 19.54 -18.15 -8.01
C GLY A 233 19.65 -19.64 -8.20
N ARG A 234 18.50 -20.30 -8.37
CA ARG A 234 18.47 -21.74 -8.55
C ARG A 234 18.95 -22.17 -9.93
N ASP A 235 19.01 -21.24 -10.89
CA ASP A 235 19.64 -21.51 -12.17
C ASP A 235 21.09 -21.04 -12.21
N GLY A 236 21.68 -20.75 -11.05
CA GLY A 236 23.07 -20.31 -10.99
C GLY A 236 23.27 -18.85 -11.24
N SER A 237 22.19 -18.07 -11.36
CA SER A 237 22.27 -16.65 -11.64
C SER A 237 22.45 -15.86 -10.34
N GLU A 238 22.95 -14.65 -10.49
CA GLU A 238 23.03 -13.71 -9.39
C GLU A 238 21.73 -12.94 -9.24
N PRO A 239 21.50 -12.28 -8.11
CA PRO A 239 20.27 -11.50 -7.96
C PRO A 239 20.15 -10.48 -9.10
N LYS A 240 18.92 -10.27 -9.54
CA LYS A 240 18.62 -9.41 -10.69
C LYS A 240 17.99 -8.12 -10.15
N ILE A 241 18.73 -7.03 -10.25
CA ILE A 241 18.35 -5.75 -9.65
C ILE A 241 17.77 -4.86 -10.75
N GLN A 242 16.50 -4.50 -10.61
CA GLN A 242 15.78 -3.75 -11.62
C GLN A 242 15.21 -2.47 -11.03
N ARG A 243 15.25 -1.39 -11.82
CA ARG A 243 14.48 -0.20 -11.48
C ARG A 243 13.00 -0.54 -11.42
N MET A 244 12.30 0.11 -10.50
CA MET A 244 10.85 -0.05 -10.38
C MET A 244 10.32 1.25 -9.76
N GLY A 245 9.76 2.11 -10.59
CA GLY A 245 9.34 3.41 -10.10
C GLY A 245 10.54 4.26 -9.75
N ASP A 246 10.52 4.85 -8.56
CA ASP A 246 11.61 5.67 -8.07
C ASP A 246 12.60 4.89 -7.23
N ARG A 247 12.51 3.56 -7.23
CA ARG A 247 13.37 2.73 -6.38
C ARG A 247 13.70 1.47 -7.17
N PHE A 248 14.21 0.46 -6.48
CA PHE A 248 14.64 -0.78 -7.11
C PHE A 248 13.89 -1.97 -6.49
N ALA A 249 13.95 -3.09 -7.19
CA ALA A 249 13.49 -4.37 -6.67
C ALA A 249 14.45 -5.45 -7.15
N VAL A 250 14.52 -6.55 -6.41
CA VAL A 250 15.51 -7.59 -6.68
C VAL A 250 14.81 -8.95 -6.77
N GLU A 251 15.01 -9.64 -7.89
CA GLU A 251 14.63 -11.03 -8.04
C GLU A 251 15.79 -11.95 -7.68
N VAL A 252 15.45 -13.12 -7.16
CA VAL A 252 16.37 -14.26 -7.12
C VAL A 252 15.67 -15.40 -7.84
N LYS A 253 16.18 -15.76 -9.02
CA LYS A 253 15.46 -16.63 -9.93
C LYS A 253 15.26 -18.02 -9.35
N GLY A 254 14.05 -18.55 -9.50
CA GLY A 254 13.69 -19.85 -9.00
C GLY A 254 13.26 -19.86 -7.55
N ARG A 255 13.47 -18.76 -6.84
CA ARG A 255 12.94 -18.53 -5.51
C ARG A 255 12.07 -17.28 -5.56
N ILE A 256 11.49 -16.94 -4.42
CA ILE A 256 10.73 -15.72 -4.27
C ILE A 256 11.49 -14.83 -3.28
N HIS A 257 12.02 -13.72 -3.77
CA HIS A 257 12.54 -12.71 -2.85
C HIS A 257 11.35 -11.94 -2.30
N PHE A 258 10.98 -12.25 -1.06
CA PHE A 258 9.88 -11.58 -0.38
C PHE A 258 10.48 -10.48 0.50
N ASP A 259 10.44 -9.26 -0.01
CA ASP A 259 10.83 -8.09 0.77
C ASP A 259 9.61 -7.63 1.58
N LEU A 260 9.72 -7.70 2.91
CA LEU A 260 8.63 -7.36 3.79
C LEU A 260 8.31 -5.87 3.81
N TYR A 261 9.26 -5.01 3.42
CA TYR A 261 9.07 -3.58 3.64
C TYR A 261 7.93 -3.03 2.79
N PRO A 262 7.83 -3.34 1.50
CA PRO A 262 6.67 -2.82 0.73
C PRO A 262 5.34 -3.31 1.27
N VAL A 263 5.26 -4.58 1.68
CA VAL A 263 4.02 -5.13 2.21
C VAL A 263 3.62 -4.41 3.50
N ILE A 264 4.53 -4.40 4.48
CA ILE A 264 4.23 -3.78 5.76
C ILE A 264 3.86 -2.31 5.56
N ARG A 265 4.64 -1.61 4.73
CA ARG A 265 4.46 -0.18 4.57
C ARG A 265 3.04 0.16 4.10
N ARG A 266 2.46 -0.69 3.27
CA ARG A 266 1.11 -0.44 2.76
C ARG A 266 0.02 -1.12 3.57
N THR A 267 0.38 -1.97 4.54
CA THR A 267 -0.61 -2.71 5.31
C THR A 267 -0.83 -2.16 6.71
N ILE A 268 0.20 -1.64 7.36
CA ILE A 268 0.12 -1.16 8.73
C ILE A 268 0.45 0.32 8.74
N ASN A 269 -0.27 1.10 9.54
CA ASN A 269 -0.03 2.53 9.64
C ASN A 269 0.76 2.81 10.91
N LEU A 270 2.02 3.14 10.75
CA LEU A 270 2.94 3.43 11.85
C LEU A 270 3.61 4.78 11.61
N PRO A 271 4.08 5.44 12.67
CA PRO A 271 4.83 6.68 12.47
C PRO A 271 6.16 6.43 11.78
N THR A 272 6.91 5.41 12.21
CA THR A 272 8.12 4.99 11.53
C THR A 272 8.07 3.50 11.28
N TYR A 273 8.83 3.07 10.28
CA TYR A 273 8.82 1.68 9.84
C TYR A 273 10.18 1.01 10.04
N THR A 274 10.88 1.40 11.12
CA THR A 274 12.02 0.62 11.56
C THR A 274 11.57 -0.82 11.84
N LEU A 275 12.51 -1.75 11.69
CA LEU A 275 12.20 -3.15 11.99
C LEU A 275 11.70 -3.29 13.42
N GLU A 276 12.31 -2.56 14.35
CA GLU A 276 11.92 -2.65 15.75
C GLU A 276 10.47 -2.20 15.94
N ALA A 277 10.09 -1.10 15.29
CA ALA A 277 8.70 -0.64 15.38
C ALA A 277 7.75 -1.70 14.84
N VAL A 278 8.05 -2.25 13.67
CA VAL A 278 7.17 -3.23 13.05
C VAL A 278 7.01 -4.46 13.93
N TYR A 279 8.13 -4.96 14.48
CA TYR A 279 8.07 -6.14 15.33
C TYR A 279 7.18 -5.90 16.53
N GLU A 280 7.36 -4.76 17.21
CA GLU A 280 6.57 -4.47 18.39
C GLU A 280 5.08 -4.33 18.06
N ALA A 281 4.77 -3.72 16.92
CA ALA A 281 3.36 -3.52 16.56
C ALA A 281 2.68 -4.85 16.29
N VAL A 282 3.40 -5.80 15.69
CA VAL A 282 2.77 -7.06 15.29
C VAL A 282 2.69 -8.03 16.47
N PHE A 283 3.76 -8.15 17.24
CA PHE A 283 3.90 -9.21 18.22
C PHE A 283 3.86 -8.73 19.67
N GLY A 284 3.84 -7.42 19.90
CA GLY A 284 3.76 -6.92 21.26
C GLY A 284 4.99 -7.16 22.10
N GLN A 285 6.16 -7.24 21.47
CA GLN A 285 7.41 -7.47 22.19
C GLN A 285 8.46 -6.47 21.74
N PRO A 286 9.26 -5.95 22.68
CA PRO A 286 10.26 -4.96 22.31
C PRO A 286 11.44 -5.58 21.58
N LYS A 287 12.02 -4.79 20.68
CA LYS A 287 13.28 -5.15 20.03
C LYS A 287 14.24 -3.97 20.19
N GLU A 288 15.43 -4.26 20.70
CA GLU A 288 16.42 -3.22 20.93
C GLU A 288 17.13 -2.87 19.63
N LYS A 289 17.46 -1.61 19.46
CA LYS A 289 18.13 -1.10 18.28
C LYS A 289 19.58 -0.77 18.63
N VAL A 290 20.51 -1.28 17.82
CA VAL A 290 21.92 -0.90 17.87
C VAL A 290 22.21 -0.08 16.62
N TYR A 291 22.79 1.10 16.79
CA TYR A 291 22.91 2.05 15.71
C TYR A 291 24.24 1.90 14.96
N ALA A 292 24.26 2.41 13.73
CA ALA A 292 25.43 2.31 12.88
C ALA A 292 26.68 2.79 13.60
N GLU A 293 26.55 3.90 14.34
CA GLU A 293 27.69 4.47 15.04
C GLU A 293 28.25 3.51 16.07
N GLU A 294 27.36 2.81 16.81
CA GLU A 294 27.82 1.85 17.80
C GLU A 294 28.46 0.63 17.13
N ILE A 295 27.89 0.21 16.00
CA ILE A 295 28.41 -0.96 15.30
C ILE A 295 29.84 -0.72 14.84
N THR A 296 30.07 0.45 14.22
CA THR A 296 31.42 0.77 13.73
C THR A 296 32.41 0.87 14.89
N THR A 297 32.02 1.52 15.99
CA THR A 297 32.92 1.65 17.12
C THR A 297 33.26 0.29 17.72
N ALA A 298 32.29 -0.62 17.76
CA ALA A 298 32.53 -1.96 18.29
C ALA A 298 33.52 -2.71 17.41
N TRP A 299 33.37 -2.61 16.09
CA TRP A 299 34.25 -3.33 15.18
C TRP A 299 35.68 -2.83 15.28
N GLU A 300 35.85 -1.51 15.30
CA GLU A 300 37.20 -0.94 15.29
C GLU A 300 37.88 -1.07 16.64
N THR A 301 37.14 -0.94 17.74
CA THR A 301 37.70 -1.12 19.08
C THR A 301 37.69 -2.56 19.54
N GLY A 302 37.00 -3.45 18.83
CA GLY A 302 36.93 -4.84 19.23
C GLY A 302 36.16 -5.11 20.50
N GLU A 303 35.44 -4.14 21.04
CA GLU A 303 34.71 -4.28 22.29
C GLU A 303 33.21 -4.27 22.05
N ASN A 304 32.49 -5.07 22.85
CA ASN A 304 31.03 -5.18 22.78
C ASN A 304 30.56 -5.71 21.42
N LEU A 305 31.39 -6.53 20.77
CA LEU A 305 30.97 -7.16 19.51
C LEU A 305 29.84 -8.16 19.73
N GLU A 306 29.71 -8.71 20.94
CA GLU A 306 28.66 -9.67 21.21
C GLU A 306 27.29 -9.02 21.08
N ARG A 307 27.18 -7.76 21.50
CA ARG A 307 25.92 -7.02 21.38
C ARG A 307 25.57 -6.77 19.91
N VAL A 308 26.56 -6.48 19.06
CA VAL A 308 26.29 -6.30 17.64
C VAL A 308 25.84 -7.60 17.01
N ALA A 309 26.48 -8.70 17.37
CA ALA A 309 26.10 -10.00 16.84
C ALA A 309 24.71 -10.40 17.28
N ARG A 310 24.35 -10.08 18.53
CA ARG A 310 22.99 -10.36 19.00
C ARG A 310 21.97 -9.53 18.23
N TYR A 311 22.25 -8.24 18.06
CA TYR A 311 21.38 -7.37 17.28
C TYR A 311 21.20 -7.91 15.87
N SER A 312 22.30 -8.36 15.25
CA SER A 312 22.25 -8.91 13.91
C SER A 312 21.47 -10.20 13.86
N MET A 313 21.67 -11.08 14.86
CA MET A 313 20.90 -12.32 14.93
C MET A 313 19.41 -12.02 15.10
N GLU A 314 19.07 -11.06 15.97
CA GLU A 314 17.68 -10.74 16.21
C GLU A 314 17.01 -10.12 14.98
N ASP A 315 17.76 -9.38 14.16
CA ASP A 315 17.20 -8.89 12.91
C ASP A 315 16.70 -10.04 12.06
N ALA A 316 17.54 -11.06 11.84
CA ALA A 316 17.12 -12.17 11.01
C ALA A 316 15.95 -12.93 11.65
N LYS A 317 16.00 -13.08 12.97
CA LYS A 317 14.96 -13.85 13.65
C LYS A 317 13.59 -13.20 13.50
N VAL A 318 13.49 -11.90 13.82
CA VAL A 318 12.18 -11.25 13.72
C VAL A 318 11.77 -11.10 12.26
N THR A 319 12.74 -10.98 11.35
CA THR A 319 12.41 -10.92 9.94
C THR A 319 11.82 -12.24 9.46
N TYR A 320 12.32 -13.36 9.99
CA TYR A 320 11.70 -14.64 9.69
C TYR A 320 10.31 -14.73 10.29
N GLU A 321 10.17 -14.36 11.57
CA GLU A 321 8.87 -14.46 12.25
C GLU A 321 7.82 -13.64 11.53
N LEU A 322 8.17 -12.43 11.10
CA LEU A 322 7.24 -11.59 10.36
C LEU A 322 6.87 -12.21 9.01
N GLY A 323 7.87 -12.67 8.26
CA GLY A 323 7.59 -13.25 6.96
C GLY A 323 6.68 -14.45 7.05
N LYS A 324 6.80 -15.21 8.13
CA LYS A 324 5.95 -16.38 8.32
C LYS A 324 4.48 -15.99 8.45
N GLU A 325 4.19 -14.81 9.00
CA GLU A 325 2.79 -14.40 9.14
C GLU A 325 2.29 -13.67 7.89
N PHE A 326 3.13 -12.86 7.26
CA PHE A 326 2.68 -12.02 6.16
C PHE A 326 2.77 -12.70 4.80
N LEU A 327 3.59 -13.74 4.65
CA LEU A 327 3.61 -14.43 3.36
C LEU A 327 2.27 -15.05 3.01
N PRO A 328 1.58 -15.79 3.90
CA PRO A 328 0.28 -16.35 3.51
C PRO A 328 -0.75 -15.30 3.16
N MET A 329 -0.74 -14.14 3.82
CA MET A 329 -1.64 -13.06 3.45
C MET A 329 -1.39 -12.61 2.02
N GLU A 330 -0.11 -12.41 1.65
CA GLU A 330 0.20 -11.94 0.31
C GLU A 330 0.04 -13.04 -0.74
N ALA A 331 0.20 -14.31 -0.33
CA ALA A 331 -0.11 -15.41 -1.24
C ALA A 331 -1.58 -15.43 -1.61
N GLN A 332 -2.47 -15.13 -0.66
CA GLN A 332 -3.89 -15.06 -0.97
C GLN A 332 -4.15 -13.99 -2.02
N LEU A 333 -3.59 -12.80 -1.82
CA LEU A 333 -3.74 -11.72 -2.79
C LEU A 333 -3.16 -12.12 -4.14
N SER A 334 -2.02 -12.83 -4.13
CA SER A 334 -1.43 -13.29 -5.39
C SER A 334 -2.38 -14.21 -6.14
N ARG A 335 -3.09 -15.09 -5.43
CA ARG A 335 -4.06 -15.98 -6.06
C ARG A 335 -5.26 -15.23 -6.60
N LEU A 336 -5.64 -14.13 -5.95
CA LEU A 336 -6.81 -13.38 -6.37
C LEU A 336 -6.54 -12.55 -7.62
N ILE A 337 -5.32 -12.05 -7.76
CA ILE A 337 -4.93 -11.28 -8.93
C ILE A 337 -4.54 -12.21 -10.07
N GLY A 338 -3.96 -13.37 -9.76
CA GLY A 338 -3.47 -14.27 -10.78
C GLY A 338 -2.06 -13.98 -11.25
N GLN A 339 -1.24 -13.35 -10.41
CA GLN A 339 0.15 -13.07 -10.75
C GLN A 339 1.06 -13.53 -9.61
N SER A 340 2.37 -13.49 -9.85
CA SER A 340 3.32 -13.98 -8.87
C SER A 340 3.32 -13.12 -7.62
N LEU A 341 3.70 -13.75 -6.50
CA LEU A 341 3.84 -13.03 -5.24
C LEU A 341 4.86 -11.91 -5.37
N TRP A 342 5.94 -12.15 -6.12
CA TRP A 342 6.94 -11.11 -6.31
C TRP A 342 6.34 -9.85 -6.92
N ASP A 343 5.58 -10.00 -8.01
CA ASP A 343 4.95 -8.83 -8.65
C ASP A 343 3.89 -8.21 -7.75
N VAL A 344 3.03 -9.03 -7.16
CA VAL A 344 1.86 -8.52 -6.46
C VAL A 344 2.26 -7.77 -5.20
N SER A 345 3.29 -8.25 -4.49
CA SER A 345 3.71 -7.60 -3.25
C SER A 345 4.40 -6.26 -3.48
N ARG A 346 4.81 -5.95 -4.71
CA ARG A 346 5.51 -4.71 -5.01
C ARG A 346 4.72 -3.74 -5.88
N SER A 347 3.52 -4.12 -6.32
CA SER A 347 2.84 -3.38 -7.38
C SER A 347 1.85 -2.38 -6.82
N SER A 348 1.76 -1.24 -7.51
CA SER A 348 0.72 -0.25 -7.25
C SER A 348 -0.67 -0.90 -7.32
N THR A 349 -1.66 -0.27 -6.69
CA THR A 349 -3.01 -0.82 -6.71
C THR A 349 -3.59 -0.82 -8.12
N GLY A 350 -3.26 0.20 -8.92
CA GLY A 350 -3.74 0.24 -10.29
C GLY A 350 -3.32 -0.98 -11.11
N ASN A 351 -2.05 -1.38 -10.97
CA ASN A 351 -1.57 -2.55 -11.71
C ASN A 351 -2.25 -3.83 -11.23
N LEU A 352 -2.52 -3.95 -9.92
CA LEU A 352 -3.25 -5.10 -9.41
C LEU A 352 -4.64 -5.17 -10.03
N VAL A 353 -5.36 -4.05 -10.05
CA VAL A 353 -6.69 -4.02 -10.64
C VAL A 353 -6.59 -4.41 -12.12
N GLU A 354 -5.66 -3.81 -12.84
CA GLU A 354 -5.61 -4.02 -14.28
C GLU A 354 -5.22 -5.46 -14.64
N TRP A 355 -4.27 -6.05 -13.90
N TRP A 355 -4.30 -6.07 -13.88
CA TRP A 355 -3.89 -7.44 -14.14
CA TRP A 355 -3.93 -7.45 -14.19
C TRP A 355 -5.06 -8.37 -13.85
C TRP A 355 -5.04 -8.42 -13.81
N PHE A 356 -5.81 -8.10 -12.77
CA PHE A 356 -7.01 -8.87 -12.48
C PHE A 356 -8.01 -8.75 -13.61
N LEU A 357 -8.23 -7.53 -14.11
CA LEU A 357 -9.21 -7.34 -15.16
C LEU A 357 -8.76 -7.96 -16.48
N LEU A 358 -7.45 -7.99 -16.76
CA LEU A 358 -7.00 -8.59 -18.01
C LEU A 358 -7.22 -10.09 -18.01
N ARG A 359 -7.00 -10.76 -16.87
CA ARG A 359 -7.27 -12.18 -16.79
C ARG A 359 -8.77 -12.47 -16.92
N LYS A 360 -9.59 -11.75 -16.16
CA LYS A 360 -11.03 -11.92 -16.25
C LYS A 360 -11.54 -11.62 -17.64
N ALA A 361 -11.00 -10.58 -18.28
CA ALA A 361 -11.43 -10.27 -19.64
C ALA A 361 -11.09 -11.40 -20.61
N TYR A 362 -9.94 -12.05 -20.40
CA TYR A 362 -9.58 -13.17 -21.26
C TYR A 362 -10.50 -14.36 -21.05
N GLU A 363 -10.85 -14.63 -19.79
CA GLU A 363 -11.78 -15.71 -19.46
C GLU A 363 -13.15 -15.50 -20.10
N ARG A 364 -13.57 -14.25 -20.28
CA ARG A 364 -14.90 -13.94 -20.79
C ARG A 364 -14.89 -13.56 -22.26
N ASN A 365 -13.76 -13.71 -22.94
CA ASN A 365 -13.62 -13.40 -24.36
C ASN A 365 -13.80 -11.91 -24.63
N GLU A 366 -13.50 -11.06 -23.66
CA GLU A 366 -13.59 -9.61 -23.81
C GLU A 366 -12.23 -9.04 -24.17
N LEU A 367 -12.19 -8.22 -25.22
CA LEU A 367 -11.00 -7.45 -25.57
C LEU A 367 -10.76 -6.35 -24.55
N ALA A 368 -9.50 -6.21 -24.13
CA ALA A 368 -9.16 -5.09 -23.27
C ALA A 368 -9.16 -3.81 -24.10
N PRO A 369 -9.73 -2.72 -23.58
CA PRO A 369 -9.48 -1.42 -24.18
C PRO A 369 -8.02 -1.04 -23.98
N ASN A 370 -7.55 -0.13 -24.82
CA ASN A 370 -6.15 0.27 -24.80
C ASN A 370 -5.90 1.32 -23.74
N LYS A 371 -4.63 1.45 -23.35
CA LYS A 371 -4.23 2.55 -22.50
C LYS A 371 -4.26 3.85 -23.31
N PRO A 372 -4.59 4.97 -22.68
CA PRO A 372 -4.71 6.22 -23.44
C PRO A 372 -3.36 6.72 -23.92
N ASP A 373 -3.39 7.42 -25.06
CA ASP A 373 -2.22 8.16 -25.50
C ASP A 373 -2.15 9.49 -24.76
N GLU A 374 -1.14 10.30 -25.10
CA GLU A 374 -0.92 11.54 -24.38
C GLU A 374 -2.11 12.48 -24.52
N LYS A 375 -2.71 12.54 -25.71
CA LYS A 375 -3.78 13.51 -25.95
C LYS A 375 -5.07 13.09 -25.24
N GLU A 376 -5.38 11.78 -25.24
CA GLU A 376 -6.53 11.31 -24.46
C GLU A 376 -6.31 11.50 -22.97
N LEU A 377 -5.07 11.34 -22.49
CA LEU A 377 -4.77 11.57 -21.09
C LEU A 377 -5.12 12.99 -20.68
N ALA A 378 -4.72 13.97 -21.49
CA ALA A 378 -5.05 15.35 -21.19
C ALA A 378 -6.56 15.56 -21.13
N ARG A 379 -7.30 14.84 -21.96
CA ARG A 379 -8.75 14.95 -22.00
C ARG A 379 -9.42 14.39 -20.75
N ARG A 380 -8.74 13.51 -20.00
CA ARG A 380 -9.32 12.84 -18.85
C ARG A 380 -9.00 13.51 -17.53
N ARG A 381 -8.69 14.81 -17.54
CA ARG A 381 -8.16 15.48 -16.35
C ARG A 381 -9.18 16.34 -15.63
N GLN A 382 -10.47 16.06 -15.79
CA GLN A 382 -11.51 16.79 -15.07
C GLN A 382 -11.95 15.98 -13.87
N SER A 383 -12.19 16.65 -12.75
CA SER A 383 -12.62 15.93 -11.56
C SER A 383 -14.14 15.84 -11.55
N TYR A 384 -14.68 15.35 -10.44
CA TYR A 384 -16.10 15.14 -10.28
C TYR A 384 -16.38 15.16 -8.79
N GLU A 385 -17.66 15.25 -8.44
CA GLU A 385 -18.06 15.40 -7.06
C GLU A 385 -17.99 14.07 -6.33
N GLY A 386 -17.59 14.12 -5.05
CA GLY A 386 -17.42 12.91 -4.28
C GLY A 386 -18.46 12.72 -3.19
N GLY A 387 -18.01 12.23 -2.03
CA GLY A 387 -18.92 11.93 -0.95
C GLY A 387 -19.37 13.16 -0.18
N TYR A 388 -20.49 12.99 0.51
CA TYR A 388 -21.09 14.01 1.35
C TYR A 388 -20.50 13.94 2.76
N VAL A 389 -20.01 15.07 3.25
CA VAL A 389 -19.47 15.16 4.61
C VAL A 389 -20.27 16.21 5.35
N LYS A 390 -20.97 15.78 6.40
CA LYS A 390 -21.83 16.67 7.18
C LYS A 390 -21.02 17.45 8.20
N GLU A 391 -21.40 18.70 8.40
CA GLU A 391 -20.77 19.52 9.42
C GLU A 391 -21.18 18.99 10.80
N PRO A 392 -20.25 18.63 11.67
CA PRO A 392 -20.65 17.94 12.90
C PRO A 392 -21.28 18.89 13.93
N GLU A 393 -22.11 18.31 14.79
CA GLU A 393 -22.55 18.98 16.02
C GLU A 393 -21.38 18.92 16.99
N ARG A 394 -20.67 20.02 17.13
CA ARG A 394 -19.42 20.03 17.87
C ARG A 394 -19.64 19.75 19.35
N GLY A 395 -18.66 19.07 19.94
CA GLY A 395 -18.58 18.94 21.38
C GLY A 395 -18.75 17.54 21.91
N LEU A 396 -19.07 17.44 23.19
CA LEU A 396 -19.16 16.16 23.89
C LEU A 396 -20.56 15.57 23.73
N TRP A 397 -20.63 14.29 23.38
CA TRP A 397 -21.89 13.57 23.24
C TRP A 397 -21.80 12.24 23.97
N GLU A 398 -22.97 11.74 24.39
CA GLU A 398 -23.07 10.49 25.13
C GLU A 398 -23.98 9.51 24.41
N ASN A 399 -23.70 8.22 24.62
CA ASN A 399 -24.55 7.13 24.15
C ASN A 399 -24.76 7.22 22.63
N ILE A 400 -23.66 6.95 21.93
CA ILE A 400 -23.52 7.15 20.50
C ILE A 400 -23.47 5.79 19.83
N VAL A 401 -24.26 5.62 18.76
CA VAL A 401 -24.12 4.46 17.89
C VAL A 401 -23.51 4.92 16.58
N TYR A 402 -22.73 4.04 15.98
CA TYR A 402 -22.09 4.27 14.70
C TYR A 402 -22.64 3.26 13.71
N LEU A 403 -23.32 3.76 12.67
CA LEU A 403 -23.89 2.93 11.61
C LEU A 403 -23.21 3.29 10.30
N ASP A 404 -22.98 2.29 9.45
CA ASP A 404 -22.07 2.46 8.33
C ASP A 404 -22.38 1.43 7.25
N PHE A 405 -22.51 1.89 6.01
CA PHE A 405 -22.81 1.00 4.90
C PHE A 405 -21.68 0.01 4.66
N ARG A 406 -22.07 -1.23 4.38
CA ARG A 406 -21.13 -2.28 3.98
C ARG A 406 -20.64 -2.04 2.55
N SER A 407 -19.33 -1.89 2.39
CA SER A 407 -18.67 -1.78 1.08
C SER A 407 -19.51 -0.94 0.11
N LEU A 408 -19.72 0.33 0.47
CA LEU A 408 -20.76 1.10 -0.19
C LEU A 408 -20.51 1.22 -1.69
N TYR A 409 -19.42 1.88 -2.10
CA TYR A 409 -19.25 2.13 -3.53
C TYR A 409 -19.27 0.85 -4.34
N PRO A 410 -18.56 -0.21 -3.94
CA PRO A 410 -18.71 -1.48 -4.68
C PRO A 410 -20.13 -2.01 -4.69
N SER A 411 -20.87 -1.89 -3.58
CA SER A 411 -22.26 -2.36 -3.55
C SER A 411 -23.13 -1.58 -4.53
N ILE A 412 -22.87 -0.29 -4.68
CA ILE A 412 -23.60 0.51 -5.67
C ILE A 412 -23.28 0.03 -7.08
N ILE A 413 -21.99 -0.25 -7.35
CA ILE A 413 -21.62 -0.76 -8.67
C ILE A 413 -22.34 -2.08 -8.94
N ILE A 414 -22.44 -2.95 -7.93
CA ILE A 414 -23.13 -4.23 -8.11
C ILE A 414 -24.63 -4.00 -8.30
N THR A 415 -25.24 -3.22 -7.42
CA THR A 415 -26.69 -3.12 -7.38
C THR A 415 -27.23 -2.41 -8.62
N HIS A 416 -26.59 -1.33 -9.03
CA HIS A 416 -27.08 -0.54 -10.15
C HIS A 416 -26.34 -0.83 -11.45
N ASN A 417 -25.54 -1.90 -11.48
CA ASN A 417 -24.89 -2.39 -12.70
C ASN A 417 -24.10 -1.29 -13.40
N VAL A 418 -23.28 -0.59 -12.63
CA VAL A 418 -22.58 0.60 -13.08
C VAL A 418 -21.31 0.19 -13.80
N SER A 419 -21.23 0.46 -15.10
CA SER A 419 -20.15 -0.08 -15.92
C SER A 419 -20.15 0.57 -17.30
N PRO A 420 -18.99 0.68 -17.95
CA PRO A 420 -18.96 1.29 -19.29
C PRO A 420 -19.65 0.45 -20.36
N ASP A 421 -19.76 -0.87 -20.18
CA ASP A 421 -20.50 -1.68 -21.14
C ASP A 421 -22.02 -1.65 -20.92
N THR A 422 -22.51 -0.98 -19.86
CA THR A 422 -23.94 -0.81 -19.64
C THR A 422 -24.39 0.65 -19.72
N LEU A 423 -23.46 1.60 -19.70
CA LEU A 423 -23.81 3.02 -19.73
C LEU A 423 -24.54 3.38 -21.01
N ASN A 424 -25.74 3.94 -20.86
CA ASN A 424 -26.58 4.38 -21.97
C ASN A 424 -26.62 3.39 -23.11
N ARG A 425 -26.61 2.09 -22.81
CA ARG A 425 -26.89 1.09 -23.84
C ARG A 425 -28.38 1.15 -24.20
N GLU A 426 -28.67 1.22 -25.48
CA GLU A 426 -30.04 1.38 -25.98
C GLU A 426 -30.70 0.02 -26.17
N GLY A 427 -32.02 0.02 -26.11
CA GLY A 427 -32.80 -1.17 -26.44
C GLY A 427 -32.93 -2.16 -25.31
N CYS A 428 -32.62 -1.78 -24.09
CA CYS A 428 -32.77 -2.68 -22.96
C CYS A 428 -34.16 -2.55 -22.34
N LYS A 429 -34.54 -3.59 -21.60
CA LYS A 429 -35.82 -3.62 -20.90
C LYS A 429 -35.79 -2.80 -19.62
N GLU A 430 -34.64 -2.75 -18.96
CA GLU A 430 -34.59 -2.19 -17.61
C GLU A 430 -33.34 -1.33 -17.43
N TYR A 431 -33.52 -0.20 -16.74
CA TYR A 431 -32.46 0.75 -16.47
C TYR A 431 -32.55 1.24 -15.04
N ASP A 432 -31.39 1.51 -14.46
CA ASP A 432 -31.27 2.34 -13.26
C ASP A 432 -30.65 3.66 -13.64
N VAL A 433 -31.14 4.75 -13.03
CA VAL A 433 -30.77 6.10 -13.42
C VAL A 433 -30.08 6.76 -12.23
N ALA A 434 -28.84 7.20 -12.45
CA ALA A 434 -28.08 7.79 -11.36
C ALA A 434 -28.69 9.13 -10.96
N PRO A 435 -28.84 9.39 -9.66
CA PRO A 435 -29.36 10.70 -9.25
C PRO A 435 -28.39 11.84 -9.56
N GLN A 436 -28.98 13.03 -9.72
CA GLN A 436 -28.23 14.25 -9.98
C GLN A 436 -27.60 14.25 -11.38
N VAL A 437 -26.78 13.26 -11.69
CA VAL A 437 -26.02 13.32 -12.94
C VAL A 437 -26.70 12.60 -14.10
N GLY A 438 -27.72 11.79 -13.84
CA GLY A 438 -28.66 11.34 -14.87
C GLY A 438 -28.21 10.20 -15.75
N HIS A 439 -27.01 9.68 -15.57
CA HIS A 439 -26.54 8.60 -16.44
C HIS A 439 -27.37 7.34 -16.22
N ARG A 440 -27.72 6.68 -17.32
CA ARG A 440 -28.55 5.48 -17.28
C ARG A 440 -27.67 4.24 -17.40
N PHE A 441 -28.01 3.21 -16.65
CA PHE A 441 -27.27 1.95 -16.70
C PHE A 441 -28.25 0.82 -16.92
N CYS A 442 -28.01 0.05 -17.97
CA CYS A 442 -28.89 -1.04 -18.34
C CYS A 442 -28.69 -2.22 -17.40
N LYS A 443 -29.78 -2.96 -17.15
CA LYS A 443 -29.79 -4.02 -16.15
C LYS A 443 -30.09 -5.39 -16.75
N ASP A 444 -30.16 -5.51 -18.09
CA ASP A 444 -30.59 -6.76 -18.69
C ASP A 444 -29.53 -7.85 -18.57
N PHE A 445 -28.26 -7.46 -18.47
CA PHE A 445 -27.16 -8.40 -18.37
C PHE A 445 -26.13 -7.83 -17.40
N PRO A 446 -25.36 -8.69 -16.72
CA PRO A 446 -24.37 -8.18 -15.77
C PRO A 446 -23.24 -7.44 -16.48
N GLY A 447 -22.94 -6.24 -16.02
CA GLY A 447 -21.77 -5.54 -16.50
C GLY A 447 -20.48 -6.22 -16.09
N PHE A 448 -19.43 -5.98 -16.87
CA PHE A 448 -18.16 -6.68 -16.68
C PHE A 448 -17.68 -6.56 -15.23
N ILE A 449 -17.42 -5.34 -14.79
CA ILE A 449 -16.86 -5.13 -13.45
C ILE A 449 -17.89 -5.44 -12.37
N PRO A 450 -19.14 -4.99 -12.52
CA PRO A 450 -20.16 -5.39 -11.52
C PRO A 450 -20.20 -6.89 -11.29
N SER A 451 -20.04 -7.69 -12.36
CA SER A 451 -20.11 -9.13 -12.24
C SER A 451 -18.93 -9.73 -11.50
N LEU A 452 -17.86 -8.95 -11.26
CA LEU A 452 -16.66 -9.47 -10.61
C LEU A 452 -16.53 -9.06 -9.15
N LEU A 453 -17.20 -7.97 -8.73
CA LEU A 453 -17.01 -7.49 -7.36
C LEU A 453 -17.66 -8.40 -6.32
N GLY A 454 -18.70 -9.14 -6.70
CA GLY A 454 -19.45 -9.91 -5.72
C GLY A 454 -18.60 -10.90 -4.97
N ASP A 455 -17.74 -11.62 -5.68
CA ASP A 455 -16.89 -12.62 -5.02
C ASP A 455 -15.87 -11.96 -4.10
N LEU A 456 -15.31 -10.81 -4.50
CA LEU A 456 -14.41 -10.10 -3.59
C LEU A 456 -15.13 -9.76 -2.29
N LEU A 457 -16.34 -9.22 -2.39
CA LEU A 457 -17.06 -8.78 -1.20
C LEU A 457 -17.46 -9.95 -0.32
N GLU A 458 -17.87 -11.06 -0.93
CA GLU A 458 -18.24 -12.23 -0.15
C GLU A 458 -17.03 -12.84 0.54
N GLU A 459 -15.88 -12.81 -0.13
CA GLU A 459 -14.65 -13.25 0.52
C GLU A 459 -14.32 -12.38 1.73
N ARG A 460 -14.39 -11.05 1.54
CA ARG A 460 -14.05 -10.14 2.62
C ARG A 460 -14.86 -10.42 3.88
N GLN A 461 -16.18 -10.58 3.73
N GLN A 461 -16.18 -10.58 3.73
CA GLN A 461 -17.02 -10.72 4.91
CA GLN A 461 -17.04 -10.72 4.89
C GLN A 461 -16.81 -12.05 5.61
C GLN A 461 -16.82 -12.05 5.60
N LYS A 462 -16.45 -13.10 4.86
CA LYS A 462 -16.04 -14.35 5.50
C LYS A 462 -14.85 -14.12 6.41
N ILE A 463 -13.86 -13.36 5.94
CA ILE A 463 -12.68 -13.06 6.75
C ILE A 463 -13.08 -12.21 7.95
N LYS A 464 -13.97 -11.24 7.74
CA LYS A 464 -14.40 -10.38 8.83
C LYS A 464 -15.12 -11.16 9.91
N LYS A 465 -15.99 -12.11 9.52
CA LYS A 465 -16.70 -12.91 10.52
C LYS A 465 -15.74 -13.77 11.31
N LYS A 466 -14.70 -14.29 10.66
CA LYS A 466 -13.69 -15.07 11.37
C LYS A 466 -12.83 -14.18 12.26
N MET A 467 -12.46 -12.99 11.77
CA MET A 467 -11.71 -12.03 12.56
C MET A 467 -12.40 -11.76 13.90
N LYS A 468 -13.66 -11.33 13.85
CA LYS A 468 -14.33 -10.94 15.08
C LYS A 468 -14.52 -12.09 16.06
N ALA A 469 -14.33 -13.34 15.61
CA ALA A 469 -14.41 -14.50 16.48
C ALA A 469 -13.04 -15.09 16.81
N THR A 470 -11.95 -14.37 16.55
CA THR A 470 -10.61 -14.90 16.75
C THR A 470 -10.07 -14.48 18.12
N ILE A 471 -9.71 -15.47 18.94
CA ILE A 471 -9.22 -15.19 20.28
C ILE A 471 -7.80 -14.64 20.23
N ASP A 472 -6.91 -15.30 19.50
CA ASP A 472 -5.50 -14.92 19.43
C ASP A 472 -5.37 -13.51 18.88
N PRO A 473 -4.89 -12.54 19.67
CA PRO A 473 -4.91 -11.15 19.19
C PRO A 473 -3.96 -10.89 18.03
N ILE A 474 -2.86 -11.63 17.95
CA ILE A 474 -2.00 -11.50 16.77
C ILE A 474 -2.72 -12.01 15.53
N GLU A 475 -3.24 -13.24 15.59
CA GLU A 475 -3.99 -13.76 14.46
C GLU A 475 -5.14 -12.84 14.07
N ARG A 476 -5.74 -12.15 15.05
CA ARG A 476 -6.85 -11.26 14.75
C ARG A 476 -6.39 -10.06 13.94
N LYS A 477 -5.27 -9.44 14.34
CA LYS A 477 -4.70 -8.34 13.54
C LYS A 477 -4.48 -8.78 12.10
N LEU A 478 -3.90 -9.97 11.92
CA LEU A 478 -3.56 -10.42 10.58
C LEU A 478 -4.81 -10.61 9.73
N LEU A 479 -5.89 -11.12 10.33
CA LEU A 479 -7.16 -11.19 9.62
C LEU A 479 -7.70 -9.80 9.32
N ASP A 480 -7.57 -8.88 10.28
CA ASP A 480 -7.95 -7.49 10.05
C ASP A 480 -7.25 -6.95 8.79
N TYR A 481 -5.93 -7.18 8.69
CA TYR A 481 -5.18 -6.67 7.55
C TYR A 481 -5.65 -7.28 6.25
N ARG A 482 -5.96 -8.59 6.26
CA ARG A 482 -6.44 -9.24 5.05
C ARG A 482 -7.76 -8.64 4.58
N GLN A 483 -8.74 -8.51 5.48
CA GLN A 483 -10.04 -8.01 5.07
C GLN A 483 -9.96 -6.53 4.68
N ARG A 484 -9.03 -5.79 5.28
CA ARG A 484 -8.82 -4.40 4.87
C ARG A 484 -8.19 -4.31 3.50
N ALA A 485 -7.28 -5.23 3.16
CA ALA A 485 -6.66 -5.19 1.84
C ALA A 485 -7.70 -5.46 0.75
N ILE A 486 -8.64 -6.37 1.01
CA ILE A 486 -9.70 -6.63 0.04
C ILE A 486 -10.63 -5.44 -0.06
N LYS A 487 -10.94 -4.81 1.07
CA LYS A 487 -11.78 -3.62 1.07
C LYS A 487 -11.20 -2.54 0.16
N ILE A 488 -9.91 -2.25 0.31
CA ILE A 488 -9.29 -1.18 -0.47
C ILE A 488 -9.21 -1.59 -1.95
N LEU A 489 -8.85 -2.84 -2.21
CA LEU A 489 -8.86 -3.34 -3.58
C LEU A 489 -10.22 -3.13 -4.23
N ALA A 490 -11.29 -3.62 -3.58
CA ALA A 490 -12.62 -3.46 -4.14
C ALA A 490 -12.95 -1.99 -4.41
N ASN A 491 -12.64 -1.12 -3.44
CA ASN A 491 -12.90 0.31 -3.63
C ASN A 491 -12.06 0.89 -4.76
N SER A 492 -10.91 0.28 -5.05
CA SER A 492 -10.06 0.77 -6.13
C SER A 492 -10.63 0.46 -7.50
N TYR A 493 -11.58 -0.47 -7.61
CA TYR A 493 -12.29 -0.63 -8.87
C TYR A 493 -13.16 0.59 -9.15
N TYR A 494 -13.83 1.13 -8.12
CA TYR A 494 -14.52 2.40 -8.28
C TYR A 494 -13.53 3.49 -8.72
N GLY A 495 -12.41 3.62 -8.00
CA GLY A 495 -11.44 4.65 -8.35
C GLY A 495 -10.84 4.45 -9.74
N TYR A 496 -10.66 3.18 -10.15
CA TYR A 496 -10.20 2.88 -11.50
C TYR A 496 -11.03 3.59 -12.56
N TYR A 497 -12.35 3.67 -12.35
CA TYR A 497 -13.24 4.31 -13.31
C TYR A 497 -12.83 5.75 -13.58
N GLY A 498 -12.37 6.46 -12.55
CA GLY A 498 -11.92 7.82 -12.68
C GLY A 498 -10.42 8.00 -12.80
N TYR A 499 -9.68 6.92 -13.04
CA TYR A 499 -8.24 6.96 -13.14
C TYR A 499 -7.85 7.21 -14.59
N ALA A 500 -7.08 8.28 -14.84
CA ALA A 500 -6.88 8.74 -16.20
C ALA A 500 -6.14 7.74 -17.08
N ARG A 501 -5.35 6.83 -16.50
CA ARG A 501 -4.62 5.85 -17.31
C ARG A 501 -5.36 4.54 -17.48
N ALA A 502 -6.53 4.40 -16.86
CA ALA A 502 -7.25 3.14 -16.88
C ALA A 502 -7.65 2.75 -18.30
N ARG A 503 -7.61 1.44 -18.57
CA ARG A 503 -8.17 0.91 -19.81
C ARG A 503 -9.69 0.99 -19.78
N TRP A 504 -10.29 0.56 -18.67
CA TRP A 504 -11.73 0.68 -18.47
C TRP A 504 -12.12 1.98 -17.80
N TYR A 505 -11.51 3.08 -18.26
CA TYR A 505 -11.87 4.40 -17.79
C TYR A 505 -13.33 4.71 -18.11
N CYS A 506 -14.03 5.33 -17.15
CA CYS A 506 -15.38 5.80 -17.40
C CYS A 506 -15.74 6.80 -16.30
N LYS A 507 -15.61 8.09 -16.62
CA LYS A 507 -15.90 9.12 -15.64
C LYS A 507 -17.38 9.19 -15.31
N GLU A 508 -18.24 8.91 -16.30
CA GLU A 508 -19.67 8.85 -16.04
C GLU A 508 -20.00 7.82 -14.98
N CYS A 509 -19.36 6.65 -15.04
CA CYS A 509 -19.56 5.63 -14.02
C CYS A 509 -19.13 6.14 -12.64
N ALA A 510 -17.95 6.74 -12.57
CA ALA A 510 -17.38 7.15 -11.29
C ALA A 510 -18.29 8.16 -10.58
N GLU A 511 -18.71 9.20 -11.31
CA GLU A 511 -19.54 10.23 -10.68
C GLU A 511 -20.97 9.75 -10.43
N SER A 512 -21.42 8.72 -11.15
CA SER A 512 -22.71 8.10 -10.83
C SER A 512 -22.63 7.36 -9.51
N VAL A 513 -21.51 6.65 -9.27
CA VAL A 513 -21.32 5.93 -8.02
C VAL A 513 -21.36 6.90 -6.84
N THR A 514 -20.60 8.00 -6.93
CA THR A 514 -20.60 8.95 -5.82
C THR A 514 -21.95 9.64 -5.68
N ALA A 515 -22.66 9.88 -6.79
CA ALA A 515 -23.98 10.50 -6.70
C ALA A 515 -24.95 9.59 -5.97
N TRP A 516 -24.96 8.31 -6.30
CA TRP A 516 -25.79 7.36 -5.55
C TRP A 516 -25.39 7.33 -4.08
N GLY A 517 -24.08 7.30 -3.82
CA GLY A 517 -23.63 7.31 -2.44
C GLY A 517 -24.16 8.49 -1.64
N ARG A 518 -24.17 9.68 -2.26
CA ARG A 518 -24.67 10.86 -1.59
C ARG A 518 -26.17 10.77 -1.33
N GLU A 519 -26.92 10.19 -2.28
N GLU A 519 -26.92 10.22 -2.29
CA GLU A 519 -28.37 10.09 -2.09
CA GLU A 519 -28.37 10.08 -2.09
C GLU A 519 -28.72 9.05 -1.04
C GLU A 519 -28.67 9.08 -0.98
N TYR A 520 -27.95 7.96 -0.96
CA TYR A 520 -28.24 6.93 0.05
C TYR A 520 -27.93 7.42 1.46
N ILE A 521 -26.84 8.16 1.66
CA ILE A 521 -26.48 8.52 3.04
C ILE A 521 -27.41 9.62 3.56
N THR A 522 -27.80 10.56 2.70
CA THR A 522 -28.71 11.62 3.16
C THR A 522 -30.12 11.10 3.34
N MET A 523 -30.56 10.13 2.52
CA MET A 523 -31.85 9.49 2.73
C MET A 523 -31.85 8.74 4.05
N THR A 524 -30.75 8.05 4.37
CA THR A 524 -30.68 7.30 5.62
C THR A 524 -30.73 8.22 6.83
N ILE A 525 -29.99 9.33 6.77
CA ILE A 525 -30.04 10.32 7.85
C ILE A 525 -31.44 10.86 8.03
N LYS A 526 -32.14 11.14 6.92
CA LYS A 526 -33.50 11.69 7.02
C LYS A 526 -34.42 10.69 7.72
N GLU A 527 -34.33 9.41 7.37
CA GLU A 527 -35.22 8.40 7.94
C GLU A 527 -34.95 8.19 9.42
N ILE A 528 -33.68 8.10 9.84
CA ILE A 528 -33.40 7.80 11.24
C ILE A 528 -33.78 8.98 12.12
N GLU A 529 -33.73 10.20 11.58
CA GLU A 529 -34.13 11.37 12.36
C GLU A 529 -35.64 11.52 12.40
N GLU A 530 -36.30 11.38 11.25
CA GLU A 530 -37.73 11.62 11.17
C GLU A 530 -38.52 10.49 11.83
N LYS A 531 -38.21 9.24 11.50
CA LYS A 531 -39.06 8.13 11.90
C LYS A 531 -38.61 7.43 13.18
N TYR A 532 -37.39 7.64 13.64
CA TYR A 532 -36.91 6.98 14.85
C TYR A 532 -36.41 7.97 15.91
N GLY A 533 -36.56 9.26 15.68
CA GLY A 533 -36.26 10.23 16.72
C GLY A 533 -34.78 10.38 17.06
N PHE A 534 -33.89 9.91 16.20
CA PHE A 534 -32.47 10.08 16.45
C PHE A 534 -32.00 11.48 16.07
N LYS A 535 -30.89 11.89 16.66
CA LYS A 535 -30.12 13.03 16.22
C LYS A 535 -28.81 12.51 15.62
N VAL A 536 -28.56 12.83 14.35
CA VAL A 536 -27.31 12.47 13.70
C VAL A 536 -26.26 13.51 14.07
N ILE A 537 -25.20 13.06 14.74
CA ILE A 537 -24.19 13.98 15.27
C ILE A 537 -23.19 14.34 14.20
N TYR A 538 -22.81 13.38 13.36
CA TYR A 538 -21.73 13.54 12.41
C TYR A 538 -21.84 12.44 11.37
N SER A 539 -21.55 12.79 10.12
CA SER A 539 -21.66 11.83 9.03
C SER A 539 -20.61 12.11 7.96
N ASP A 540 -20.05 11.03 7.41
CA ASP A 540 -19.02 11.12 6.38
C ASP A 540 -19.25 10.03 5.35
N THR A 541 -19.77 10.42 4.19
CA THR A 541 -19.87 9.57 3.00
C THR A 541 -20.90 8.44 3.11
N ASP A 542 -20.76 7.54 4.10
CA ASP A 542 -21.64 6.38 4.16
C ASP A 542 -21.85 5.84 5.58
N GLY A 543 -21.51 6.61 6.60
CA GLY A 543 -21.74 6.19 7.97
C GLY A 543 -22.02 7.43 8.79
N PHE A 544 -22.51 7.22 10.00
CA PHE A 544 -22.74 8.38 10.87
C PHE A 544 -22.76 7.94 12.33
N PHE A 545 -22.58 8.93 13.19
CA PHE A 545 -22.76 8.79 14.62
C PHE A 545 -24.08 9.44 15.02
N ALA A 546 -24.85 8.76 15.87
CA ALA A 546 -26.15 9.26 16.26
C ALA A 546 -26.50 8.80 17.66
N THR A 547 -27.43 9.52 18.28
CA THR A 547 -27.96 9.17 19.59
C THR A 547 -29.41 9.60 19.66
N ILE A 548 -30.09 9.15 20.71
CA ILE A 548 -31.43 9.63 21.05
C ILE A 548 -31.27 10.57 22.23
N PRO A 549 -31.45 11.89 22.05
CA PRO A 549 -31.22 12.83 23.16
C PRO A 549 -32.07 12.48 24.37
N GLY A 550 -31.39 12.19 25.48
CA GLY A 550 -32.04 11.92 26.74
C GLY A 550 -32.28 10.46 27.05
N ALA A 551 -31.88 9.55 26.17
CA ALA A 551 -32.07 8.12 26.38
C ALA A 551 -30.80 7.47 26.91
N ASP A 552 -30.96 6.37 27.63
CA ASP A 552 -29.82 5.63 28.14
C ASP A 552 -29.30 4.66 27.07
N ALA A 553 -28.13 4.08 27.35
CA ALA A 553 -27.44 3.24 26.37
C ALA A 553 -28.34 2.15 25.82
N GLU A 554 -29.03 1.43 26.71
CA GLU A 554 -29.83 0.30 26.29
C GLU A 554 -30.90 0.72 25.28
N THR A 555 -31.55 1.84 25.53
CA THR A 555 -32.59 2.34 24.62
C THR A 555 -31.99 2.71 23.27
N VAL A 556 -30.84 3.38 23.27
CA VAL A 556 -30.25 3.79 21.99
C VAL A 556 -29.84 2.56 21.18
N LYS A 557 -29.27 1.55 21.84
CA LYS A 557 -28.90 0.33 21.13
C LYS A 557 -30.12 -0.38 20.57
N LYS A 558 -31.18 -0.51 21.38
CA LYS A 558 -32.39 -1.19 20.94
C LYS A 558 -33.00 -0.51 19.72
N LYS A 559 -33.25 0.80 19.82
CA LYS A 559 -33.89 1.52 18.72
C LYS A 559 -33.00 1.60 17.48
N ALA A 560 -31.67 1.52 17.64
CA ALA A 560 -30.80 1.48 16.46
C ALA A 560 -30.94 0.16 15.71
N MET A 561 -31.03 -0.95 16.44
CA MET A 561 -31.24 -2.24 15.80
C MET A 561 -32.61 -2.30 15.12
N GLU A 562 -33.61 -1.63 15.68
CA GLU A 562 -34.90 -1.57 15.00
C GLU A 562 -34.78 -0.80 13.69
N PHE A 563 -34.03 0.30 13.70
CA PHE A 563 -33.88 1.10 12.50
C PHE A 563 -33.12 0.33 11.42
N LEU A 564 -32.15 -0.50 11.82
CA LEU A 564 -31.40 -1.28 10.84
C LEU A 564 -32.30 -2.30 10.15
N LYS A 565 -33.14 -3.00 10.90
CA LYS A 565 -34.10 -3.91 10.28
C LYS A 565 -34.96 -3.16 9.27
N TYR A 566 -35.47 -2.00 9.66
CA TYR A 566 -36.37 -1.24 8.80
C TYR A 566 -35.65 -0.75 7.55
N ILE A 567 -34.46 -0.16 7.70
CA ILE A 567 -33.82 0.47 6.57
C ILE A 567 -33.28 -0.57 5.60
N ASN A 568 -32.82 -1.72 6.10
CA ASN A 568 -32.25 -2.71 5.20
C ASN A 568 -33.31 -3.40 4.37
N ALA A 569 -34.55 -3.49 4.87
CA ALA A 569 -35.64 -4.05 4.08
C ALA A 569 -36.07 -3.10 2.96
N LYS A 570 -35.78 -1.81 3.07
CA LYS A 570 -36.07 -0.86 1.99
C LYS A 570 -34.93 -0.72 0.99
N LEU A 571 -33.70 -1.13 1.35
CA LEU A 571 -32.55 -0.92 0.47
C LEU A 571 -32.49 -2.00 -0.60
N PRO A 572 -32.19 -1.63 -1.85
CA PRO A 572 -32.15 -2.63 -2.92
C PRO A 572 -30.84 -3.39 -2.95
N GLY A 573 -30.91 -4.62 -3.45
CA GLY A 573 -29.71 -5.35 -3.83
C GLY A 573 -28.73 -5.51 -2.69
N ALA A 574 -27.46 -5.21 -2.97
CA ALA A 574 -26.36 -5.44 -2.05
C ALA A 574 -26.16 -4.32 -1.06
N LEU A 575 -27.04 -3.32 -1.02
CA LEU A 575 -26.87 -2.21 -0.10
C LEU A 575 -27.36 -2.61 1.28
N GLU A 576 -26.50 -2.39 2.28
CA GLU A 576 -26.79 -2.82 3.65
C GLU A 576 -26.12 -1.88 4.64
N LEU A 577 -26.92 -1.33 5.54
CA LEU A 577 -26.41 -0.52 6.64
C LEU A 577 -26.05 -1.43 7.81
N GLU A 578 -24.87 -1.21 8.38
CA GLU A 578 -24.31 -2.09 9.40
C GLU A 578 -24.17 -1.37 10.73
N TYR A 579 -24.26 -2.16 11.80
CA TYR A 579 -23.97 -1.69 13.15
C TYR A 579 -22.47 -1.82 13.40
N GLU A 580 -21.76 -0.70 13.51
CA GLU A 580 -20.31 -0.76 13.69
C GLU A 580 -19.91 -0.71 15.16
N GLY A 581 -20.57 0.11 15.97
CA GLY A 581 -20.31 0.04 17.40
C GLY A 581 -21.10 1.07 18.18
N PHE A 582 -20.88 1.02 19.49
CA PHE A 582 -21.48 1.93 20.46
C PHE A 582 -20.36 2.57 21.26
N TYR A 583 -20.47 3.89 21.49
CA TYR A 583 -19.46 4.63 22.22
C TYR A 583 -20.15 5.37 23.36
N LYS A 584 -19.62 5.19 24.58
CA LYS A 584 -20.23 5.81 25.74
C LYS A 584 -20.14 7.32 25.69
N ARG A 585 -19.06 7.85 25.11
CA ARG A 585 -18.89 9.29 24.97
C ARG A 585 -18.12 9.54 23.68
N GLY A 586 -18.23 10.77 23.20
CA GLY A 586 -17.52 11.16 22.00
C GLY A 586 -17.36 12.66 21.94
N PHE A 587 -16.26 13.11 21.34
CA PHE A 587 -16.00 14.53 21.18
C PHE A 587 -15.68 14.81 19.72
N PHE A 588 -16.44 15.72 19.12
CA PHE A 588 -16.36 16.01 17.70
C PHE A 588 -15.86 17.43 17.51
N VAL A 589 -14.72 17.56 16.83
CA VAL A 589 -14.01 18.83 16.74
C VAL A 589 -14.40 19.53 15.44
N THR A 590 -14.13 18.88 14.31
CA THR A 590 -14.49 19.39 13.00
C THR A 590 -14.77 18.20 12.10
N LYS A 591 -15.14 18.48 10.85
CA LYS A 591 -15.18 17.42 9.85
C LYS A 591 -13.84 16.70 9.84
N LYS A 592 -13.90 15.37 9.92
CA LYS A 592 -12.76 14.48 9.79
C LYS A 592 -11.95 14.39 11.09
N LYS A 593 -12.31 15.09 12.16
CA LYS A 593 -11.53 15.12 13.39
C LYS A 593 -12.45 14.93 14.59
N TYR A 594 -12.33 13.78 15.26
CA TYR A 594 -13.13 13.48 16.44
C TYR A 594 -12.46 12.35 17.20
N ALA A 595 -12.97 12.07 18.40
CA ALA A 595 -12.47 10.97 19.21
C ALA A 595 -13.63 10.38 20.00
N VAL A 596 -13.70 9.05 20.04
CA VAL A 596 -14.75 8.34 20.76
C VAL A 596 -14.11 7.31 21.71
N ILE A 597 -14.86 6.97 22.76
CA ILE A 597 -14.44 5.98 23.74
C ILE A 597 -15.54 4.93 23.85
N ASP A 598 -15.16 3.65 23.82
CA ASP A 598 -16.13 2.58 23.93
C ASP A 598 -16.34 2.22 25.40
N GLU A 599 -17.26 1.28 25.65
CA GLU A 599 -17.63 0.94 27.02
C GLU A 599 -16.53 0.20 27.76
N GLU A 600 -15.54 -0.34 27.05
CA GLU A 600 -14.38 -0.94 27.68
C GLU A 600 -13.28 0.07 28.00
N GLY A 601 -13.46 1.33 27.61
CA GLY A 601 -12.49 2.37 27.90
C GLY A 601 -11.50 2.67 26.79
N LYS A 602 -11.58 1.98 25.66
CA LYS A 602 -10.63 2.19 24.57
C LYS A 602 -11.01 3.45 23.79
N ILE A 603 -10.04 4.31 23.56
CA ILE A 603 -10.25 5.56 22.82
C ILE A 603 -9.80 5.35 21.39
N THR A 604 -10.65 5.79 20.44
CA THR A 604 -10.33 5.83 19.02
C THR A 604 -10.31 7.28 18.60
N THR A 605 -9.28 7.67 17.85
CA THR A 605 -9.11 9.06 17.43
C THR A 605 -8.93 9.11 15.92
N ARG A 606 -9.67 10.00 15.28
CA ARG A 606 -9.61 10.20 13.83
C ARG A 606 -9.18 11.62 13.52
N GLY A 607 -8.17 11.76 12.66
CA GLY A 607 -7.83 13.04 12.07
C GLY A 607 -7.12 14.03 12.98
N LEU A 608 -7.28 13.87 14.29
CA LEU A 608 -6.70 14.80 15.23
C LEU A 608 -5.18 14.76 15.17
N GLU A 609 -4.57 15.79 15.75
CA GLU A 609 -3.12 15.91 15.70
C GLU A 609 -2.42 14.65 16.23
N ILE A 610 -3.07 13.94 17.15
CA ILE A 610 -2.46 12.73 17.74
C ILE A 610 -2.05 11.73 16.69
N VAL A 611 -2.78 11.66 15.56
CA VAL A 611 -2.55 10.62 14.57
C VAL A 611 -1.66 11.08 13.43
N ARG A 612 -1.23 12.33 13.44
CA ARG A 612 -0.54 12.94 12.30
C ARG A 612 0.97 12.87 12.47
N ARG A 613 1.66 12.32 11.47
CA ARG A 613 3.11 12.24 11.52
C ARG A 613 3.79 13.61 11.52
N ASP A 614 3.08 14.67 11.13
CA ASP A 614 3.72 15.97 10.92
C ASP A 614 3.47 16.96 12.05
N TRP A 615 2.98 16.50 13.20
CA TRP A 615 2.93 17.33 14.41
C TRP A 615 3.94 16.80 15.42
N SER A 616 4.44 17.71 16.25
CA SER A 616 5.46 17.35 17.22
C SER A 616 4.88 16.43 18.29
N GLU A 617 5.73 15.55 18.80
CA GLU A 617 5.32 14.59 19.82
C GLU A 617 4.80 15.31 21.07
N ILE A 618 5.39 16.45 21.42
CA ILE A 618 4.93 17.15 22.62
C ILE A 618 3.49 17.60 22.45
N ALA A 619 3.10 18.00 21.24
CA ALA A 619 1.71 18.41 21.02
C ALA A 619 0.80 17.21 21.01
N LYS A 620 1.24 16.09 20.42
CA LYS A 620 0.41 14.90 20.34
C LYS A 620 0.28 14.25 21.72
N GLU A 621 1.40 14.11 22.44
CA GLU A 621 1.37 13.60 23.80
C GLU A 621 0.43 14.42 24.68
N THR A 622 0.48 15.74 24.55
CA THR A 622 -0.37 16.59 25.38
C THR A 622 -1.83 16.43 25.01
N GLN A 623 -2.13 16.43 23.70
CA GLN A 623 -3.51 16.23 23.28
C GLN A 623 -4.03 14.86 23.73
N ALA A 624 -3.17 13.85 23.70
CA ALA A 624 -3.59 12.51 24.11
C ALA A 624 -3.93 12.48 25.60
N ARG A 625 -3.10 13.11 26.43
CA ARG A 625 -3.38 13.16 27.86
C ARG A 625 -4.68 13.91 28.13
N VAL A 626 -4.96 14.95 27.35
CA VAL A 626 -6.17 15.75 27.55
C VAL A 626 -7.41 14.93 27.20
N LEU A 627 -7.37 14.23 26.06
CA LEU A 627 -8.52 13.42 25.67
C LEU A 627 -8.79 12.34 26.72
N GLU A 628 -7.74 11.73 27.25
CA GLU A 628 -7.92 10.72 28.28
C GLU A 628 -8.56 11.32 29.52
N ALA A 629 -8.06 12.47 29.97
CA ALA A 629 -8.63 13.13 31.13
C ALA A 629 -10.11 13.45 30.92
N LEU A 630 -10.51 13.76 29.68
CA LEU A 630 -11.90 14.13 29.40
C LEU A 630 -12.76 12.89 29.17
N LEU A 631 -12.41 12.09 28.16
CA LEU A 631 -13.29 10.99 27.75
C LEU A 631 -13.30 9.85 28.75
N LYS A 632 -12.20 9.62 29.46
CA LYS A 632 -12.13 8.50 30.39
C LYS A 632 -12.36 8.92 31.84
N ASP A 633 -11.76 10.03 32.28
CA ASP A 633 -11.88 10.46 33.66
C ASP A 633 -12.92 11.55 33.87
N GLY A 634 -13.54 12.06 32.82
CA GLY A 634 -14.48 13.16 32.97
C GLY A 634 -13.97 14.27 33.86
N ASP A 635 -12.67 14.54 33.81
CA ASP A 635 -12.02 15.48 34.72
C ASP A 635 -11.48 16.64 33.89
N VAL A 636 -12.23 17.74 33.83
CA VAL A 636 -11.81 18.88 33.03
C VAL A 636 -10.66 19.62 33.70
N GLU A 637 -10.73 19.80 35.02
CA GLU A 637 -9.66 20.50 35.73
C GLU A 637 -8.32 19.80 35.53
N LYS A 638 -8.33 18.47 35.51
CA LYS A 638 -7.09 17.72 35.30
C LYS A 638 -6.52 17.99 33.91
N ALA A 639 -7.36 17.93 32.88
CA ALA A 639 -6.88 18.21 31.52
C ALA A 639 -6.23 19.59 31.45
N VAL A 640 -6.78 20.57 32.18
CA VAL A 640 -6.21 21.91 32.17
C VAL A 640 -4.85 21.93 32.86
N ARG A 641 -4.73 21.26 34.01
CA ARG A 641 -3.43 21.19 34.68
C ARG A 641 -2.37 20.60 33.76
N ILE A 642 -2.74 19.56 32.99
CA ILE A 642 -1.80 18.93 32.07
C ILE A 642 -1.23 19.95 31.10
N VAL A 643 -2.11 20.75 30.48
CA VAL A 643 -1.64 21.75 29.52
C VAL A 643 -0.75 22.76 30.21
N LYS A 644 -1.17 23.25 31.36
CA LYS A 644 -0.39 24.24 32.11
C LYS A 644 1.00 23.69 32.45
N GLU A 645 1.09 22.43 32.88
CA GLU A 645 2.39 21.85 33.18
C GLU A 645 3.28 21.83 31.95
N VAL A 646 2.70 21.52 30.79
CA VAL A 646 3.49 21.40 29.57
C VAL A 646 4.01 22.76 29.13
N THR A 647 3.14 23.76 29.08
CA THR A 647 3.59 25.10 28.68
C THR A 647 4.65 25.64 29.63
N GLU A 648 4.49 25.41 30.93
CA GLU A 648 5.51 25.87 31.87
C GLU A 648 6.84 25.18 31.60
N LYS A 649 6.83 23.86 31.47
CA LYS A 649 8.08 23.14 31.18
C LYS A 649 8.73 23.66 29.91
N LEU A 650 7.96 23.75 28.82
CA LEU A 650 8.50 24.31 27.58
C LEU A 650 9.16 25.66 27.83
N SER A 651 8.47 26.53 28.57
CA SER A 651 9.02 27.85 28.87
C SER A 651 10.37 27.73 29.57
N LYS A 652 10.52 26.74 30.44
CA LYS A 652 11.74 26.56 31.23
C LYS A 652 12.73 25.61 30.58
N TYR A 653 12.54 25.27 29.30
CA TYR A 653 13.47 24.42 28.57
C TYR A 653 13.67 23.06 29.24
N GLU A 654 12.61 22.55 29.87
CA GLU A 654 12.68 21.27 30.57
C GLU A 654 12.15 20.11 29.74
N VAL A 655 11.50 20.40 28.61
CA VAL A 655 11.03 19.34 27.71
C VAL A 655 12.21 18.80 26.93
N PRO A 656 12.36 17.48 26.79
CA PRO A 656 13.44 16.94 25.98
C PRO A 656 13.31 17.38 24.54
N PRO A 657 14.39 17.85 23.91
CA PRO A 657 14.26 18.37 22.54
C PRO A 657 13.84 17.31 21.52
N GLU A 658 13.96 16.03 21.84
CA GLU A 658 13.50 14.99 20.91
C GLU A 658 12.01 15.11 20.63
N LYS A 659 11.23 15.53 21.62
CA LYS A 659 9.79 15.62 21.46
C LYS A 659 9.36 16.79 20.60
N LEU A 660 10.30 17.64 20.18
CA LEU A 660 9.97 18.85 19.43
C LEU A 660 10.25 18.72 17.94
N VAL A 661 10.62 17.52 17.48
CA VAL A 661 10.98 17.31 16.09
C VAL A 661 9.73 17.27 15.24
N ILE A 662 9.80 17.92 14.07
CA ILE A 662 8.73 17.90 13.07
C ILE A 662 9.22 17.11 11.87
N HIS A 663 8.38 16.19 11.39
CA HIS A 663 8.69 15.37 10.24
C HIS A 663 7.76 15.74 9.09
N GLU A 664 8.33 16.06 7.93
CA GLU A 664 7.54 16.37 6.74
C GLU A 664 8.26 15.86 5.51
N GLN A 665 7.50 15.22 4.63
CA GLN A 665 8.07 14.59 3.44
C GLN A 665 8.27 15.60 2.31
N ILE A 666 9.38 15.46 1.61
CA ILE A 666 9.59 16.11 0.32
C ILE A 666 8.91 15.27 -0.75
N THR A 667 8.07 15.90 -1.57
CA THR A 667 7.26 15.17 -2.54
C THR A 667 7.68 15.39 -3.98
N ARG A 668 8.65 16.25 -4.24
CA ARG A 668 8.97 16.63 -5.61
C ARG A 668 10.38 17.19 -5.66
N ASP A 669 10.86 17.43 -6.88
CA ASP A 669 12.13 18.12 -7.04
C ASP A 669 12.04 19.52 -6.44
N LEU A 670 13.10 19.92 -5.75
CA LEU A 670 13.08 21.21 -5.05
C LEU A 670 12.78 22.36 -6.02
N LYS A 671 13.19 22.21 -7.28
CA LYS A 671 12.94 23.26 -8.26
C LYS A 671 11.45 23.50 -8.47
N ASP A 672 10.63 22.47 -8.25
CA ASP A 672 9.22 22.51 -8.61
C ASP A 672 8.31 23.02 -7.50
N TYR A 673 8.84 23.38 -6.33
CA TYR A 673 8.01 23.95 -5.28
C TYR A 673 7.66 25.40 -5.62
N LYS A 674 6.38 25.73 -5.50
CA LYS A 674 5.93 27.11 -5.64
C LYS A 674 5.93 27.86 -4.32
N ALA A 675 5.69 27.16 -3.22
CA ALA A 675 5.66 27.74 -1.89
C ALA A 675 6.66 27.04 -1.00
N THR A 676 7.52 27.81 -0.34
CA THR A 676 8.65 27.27 0.44
C THR A 676 8.30 27.32 1.93
N GLY A 677 7.73 26.23 2.43
CA GLY A 677 7.56 26.07 3.85
C GLY A 677 8.86 25.71 4.54
N PRO A 678 8.78 25.50 5.86
CA PRO A 678 10.01 25.19 6.62
C PRO A 678 10.73 23.94 6.16
N HIS A 679 10.01 22.87 5.80
CA HIS A 679 10.72 21.65 5.44
C HIS A 679 11.42 21.78 4.10
N VAL A 680 10.88 22.61 3.20
CA VAL A 680 11.54 22.86 1.92
C VAL A 680 12.72 23.80 2.13
N ALA A 681 12.61 24.75 3.06
CA ALA A 681 13.74 25.64 3.34
C ALA A 681 14.93 24.83 3.87
N VAL A 682 14.67 23.94 4.83
CA VAL A 682 15.72 23.05 5.30
C VAL A 682 16.25 22.19 4.16
N ALA A 683 15.34 21.61 3.38
CA ALA A 683 15.77 20.73 2.28
C ALA A 683 16.67 21.46 1.31
N LYS A 684 16.45 22.75 1.06
CA LYS A 684 17.27 23.49 0.12
C LYS A 684 18.64 23.81 0.70
N ARG A 685 18.75 23.97 2.01
CA ARG A 685 20.07 24.16 2.62
C ARG A 685 20.87 22.88 2.62
N LEU A 686 20.21 21.73 2.76
CA LEU A 686 20.92 20.46 2.69
C LEU A 686 21.38 20.17 1.27
N ALA A 687 20.50 20.37 0.28
CA ALA A 687 20.89 20.16 -1.12
C ALA A 687 22.12 20.98 -1.47
N ALA A 688 22.14 22.26 -1.08
CA ALA A 688 23.29 23.11 -1.37
C ALA A 688 24.57 22.61 -0.71
N ARG A 689 24.48 21.67 0.23
CA ARG A 689 25.65 21.04 0.83
C ARG A 689 25.98 19.69 0.22
N GLY A 690 25.25 19.28 -0.81
CA GLY A 690 25.53 18.02 -1.48
C GLY A 690 24.71 16.85 -1.00
N VAL A 691 23.66 17.08 -0.22
CA VAL A 691 22.80 16.00 0.24
C VAL A 691 21.81 15.66 -0.86
N LYS A 692 21.62 14.36 -1.09
CA LYS A 692 20.75 13.87 -2.15
C LYS A 692 19.31 13.94 -1.65
N ILE A 693 18.66 15.06 -1.92
CA ILE A 693 17.24 15.22 -1.65
C ILE A 693 16.46 14.69 -2.83
N ARG A 694 15.53 13.78 -2.58
CA ARG A 694 14.69 13.23 -3.62
C ARG A 694 13.26 13.12 -3.11
N PRO A 695 12.30 13.00 -4.00
CA PRO A 695 10.92 12.71 -3.56
C PRO A 695 10.90 11.49 -2.65
N GLY A 696 10.28 11.65 -1.48
CA GLY A 696 10.25 10.62 -0.47
C GLY A 696 11.19 10.88 0.70
N THR A 697 12.14 11.80 0.54
CA THR A 697 12.97 12.21 1.67
C THR A 697 12.10 12.88 2.73
N VAL A 698 12.21 12.41 3.97
CA VAL A 698 11.59 13.06 5.11
C VAL A 698 12.59 14.02 5.72
N ILE A 699 12.14 15.25 5.98
CA ILE A 699 12.93 16.26 6.68
C ILE A 699 12.50 16.26 8.14
N SER A 700 13.46 16.11 9.05
CA SER A 700 13.20 16.05 10.48
C SER A 700 13.88 17.24 11.14
N TYR A 701 13.11 18.28 11.47
CA TYR A 701 13.69 19.55 11.87
C TYR A 701 13.13 20.01 13.21
N ILE A 702 13.79 21.02 13.77
CA ILE A 702 13.41 21.63 15.04
C ILE A 702 13.51 23.14 14.89
N VAL A 703 12.61 23.87 15.55
CA VAL A 703 12.50 25.31 15.41
C VAL A 703 13.26 25.98 16.54
N LEU A 704 14.22 26.84 16.19
CA LEU A 704 15.04 27.56 17.15
C LEU A 704 14.45 28.93 17.45
N LYS A 705 14.80 29.47 18.61
CA LYS A 705 14.21 30.72 19.08
C LYS A 705 14.46 31.85 18.10
N GLY A 706 13.40 32.55 17.73
CA GLY A 706 13.50 33.66 16.79
C GLY A 706 12.13 34.23 16.50
N SER A 707 12.08 35.14 15.52
CA SER A 707 10.89 35.97 15.32
C SER A 707 10.27 35.85 13.94
N GLY A 708 11.06 35.83 12.87
CA GLY A 708 10.51 35.96 11.53
C GLY A 708 9.78 34.74 11.00
N ARG A 709 10.15 34.34 9.78
CA ARG A 709 9.59 33.13 9.20
C ARG A 709 10.12 31.90 9.92
N ILE A 710 9.26 30.89 10.07
CA ILE A 710 9.67 29.66 10.75
C ILE A 710 10.82 29.00 10.00
N GLY A 711 10.74 28.96 8.67
CA GLY A 711 11.77 28.31 7.89
C GLY A 711 13.14 28.96 8.02
N ASP A 712 13.18 30.25 8.33
CA ASP A 712 14.45 30.92 8.52
C ASP A 712 15.19 30.45 9.76
N ARG A 713 14.49 29.84 10.72
CA ARG A 713 15.14 29.41 11.96
C ARG A 713 14.86 27.95 12.28
N ALA A 714 14.53 27.15 11.26
CA ALA A 714 14.43 25.70 11.40
C ALA A 714 15.74 25.06 10.96
N ILE A 715 16.27 24.17 11.78
CA ILE A 715 17.45 23.38 11.45
C ILE A 715 17.07 21.91 11.51
N PRO A 716 17.80 21.04 10.81
CA PRO A 716 17.58 19.60 11.00
C PRO A 716 17.89 19.21 12.42
N PHE A 717 17.18 18.21 12.93
CA PHE A 717 17.45 17.75 14.28
C PHE A 717 18.81 17.06 14.38
N ASP A 718 19.37 16.62 13.24
CA ASP A 718 20.74 16.11 13.23
C ASP A 718 21.74 17.15 13.71
N GLU A 719 21.47 18.43 13.44
CA GLU A 719 22.41 19.50 13.73
C GLU A 719 22.16 20.19 15.06
N PHE A 720 21.14 19.75 15.81
CA PHE A 720 20.77 20.40 17.05
C PHE A 720 21.75 20.03 18.16
N ASP A 721 22.23 21.04 18.87
CA ASP A 721 23.22 20.89 19.93
C ASP A 721 22.70 21.63 21.15
N PRO A 722 22.24 20.92 22.20
CA PRO A 722 21.65 21.63 23.35
C PRO A 722 22.58 22.59 24.06
N THR A 723 23.89 22.52 23.82
CA THR A 723 24.80 23.48 24.42
C THR A 723 24.85 24.80 23.64
N LYS A 724 24.47 24.79 22.37
CA LYS A 724 24.54 25.98 21.53
C LYS A 724 23.18 26.50 21.06
N HIS A 725 22.15 25.66 21.07
CA HIS A 725 20.86 26.00 20.49
C HIS A 725 19.78 25.98 21.55
N LYS A 726 18.95 27.03 21.57
CA LYS A 726 17.74 27.08 22.37
C LYS A 726 16.55 26.94 21.44
N TYR A 727 15.75 25.90 21.64
CA TYR A 727 14.56 25.74 20.81
C TYR A 727 13.56 26.85 21.13
N ASP A 728 12.67 27.10 20.17
CA ASP A 728 11.71 28.20 20.28
C ASP A 728 10.54 27.73 21.12
N ALA A 729 10.63 27.97 22.44
CA ALA A 729 9.59 27.48 23.34
C ALA A 729 8.25 28.16 23.04
N GLU A 730 8.27 29.41 22.59
CA GLU A 730 7.01 30.08 22.24
C GLU A 730 6.39 29.46 21.00
N TYR A 731 7.21 29.02 20.05
CA TYR A 731 6.65 28.35 18.89
C TYR A 731 5.92 27.06 19.30
N TYR A 732 6.54 26.27 20.16
CA TYR A 732 5.93 24.99 20.51
C TYR A 732 4.72 25.16 21.43
N ILE A 733 4.63 26.28 22.14
CA ILE A 733 3.42 26.59 22.90
C ILE A 733 2.34 27.13 21.97
N GLU A 734 2.65 28.18 21.21
CA GLU A 734 1.66 28.92 20.46
C GLU A 734 1.36 28.33 19.09
N ASN A 735 2.25 27.52 18.53
CA ASN A 735 2.05 26.95 17.20
C ASN A 735 1.84 25.45 17.19
N GLN A 736 2.08 24.76 18.31
CA GLN A 736 1.93 23.30 18.35
C GLN A 736 1.01 22.86 19.48
N VAL A 737 1.42 23.06 20.73
CA VAL A 737 0.63 22.55 21.86
C VAL A 737 -0.75 23.20 21.89
N LEU A 738 -0.78 24.53 22.07
CA LEU A 738 -2.05 25.19 22.33
C LEU A 738 -3.06 25.01 21.21
N PRO A 739 -2.72 25.24 19.94
CA PRO A 739 -3.71 24.95 18.88
C PRO A 739 -4.30 23.56 18.98
N ALA A 740 -3.47 22.56 19.29
CA ALA A 740 -3.95 21.19 19.33
C ALA A 740 -4.99 20.98 20.42
N VAL A 741 -4.76 21.55 21.61
CA VAL A 741 -5.64 21.28 22.75
C VAL A 741 -6.74 22.32 22.92
N GLU A 742 -6.54 23.55 22.43
CA GLU A 742 -7.53 24.59 22.65
C GLU A 742 -8.79 24.35 21.83
N ARG A 743 -8.64 23.78 20.63
CA ARG A 743 -9.81 23.41 19.84
C ARG A 743 -10.73 22.46 20.60
N ILE A 744 -10.21 21.78 21.61
CA ILE A 744 -11.01 20.87 22.43
C ILE A 744 -11.52 21.57 23.67
N LEU A 745 -10.61 22.18 24.44
CA LEU A 745 -10.97 22.79 25.71
C LEU A 745 -11.79 24.06 25.56
N ARG A 746 -11.93 24.59 24.34
CA ARG A 746 -12.90 25.65 24.10
C ARG A 746 -14.28 25.26 24.60
N ALA A 747 -14.68 24.02 24.31
CA ALA A 747 -16.03 23.55 24.63
C ALA A 747 -16.34 23.70 26.11
N PHE A 748 -15.33 23.81 26.96
CA PHE A 748 -15.51 23.92 28.41
C PHE A 748 -15.20 25.32 28.91
N GLY A 749 -15.01 26.28 28.02
CA GLY A 749 -14.92 27.67 28.40
C GLY A 749 -13.53 28.20 28.64
N TYR A 750 -12.50 27.55 28.08
CA TYR A 750 -11.12 27.94 28.33
C TYR A 750 -10.54 28.62 27.10
N ARG A 751 -10.08 29.86 27.27
CA ARG A 751 -9.31 30.55 26.26
C ARG A 751 -7.83 30.15 26.38
N LYS A 752 -7.08 30.43 25.32
CA LYS A 752 -5.64 30.14 25.35
C LYS A 752 -4.98 30.82 26.55
N GLU A 753 -5.44 32.03 26.89
CA GLU A 753 -4.86 32.75 28.02
C GLU A 753 -4.94 31.93 29.31
N ASP A 754 -5.94 31.07 29.41
CA ASP A 754 -6.14 30.23 30.59
C ASP A 754 -5.18 29.06 30.66
N LEU A 755 -4.39 28.82 29.62
CA LEU A 755 -3.55 27.62 29.52
C LEU A 755 -2.07 27.95 29.40
N ARG A 756 -1.68 29.22 29.56
CA ARG A 756 -0.31 29.65 29.29
C ARG A 756 0.56 29.66 30.55
N TYR A 757 1.84 29.97 30.36
CA TYR A 757 2.82 30.16 31.42
C TYR A 757 3.02 28.91 32.28
#